data_6CWB
#
_entry.id   6CWB
#
_cell.length_a   78.310
_cell.length_b   190.269
_cell.length_c   151.018
_cell.angle_alpha   90.000
_cell.angle_beta   90.000
_cell.angle_gamma   90.000
#
_symmetry.space_group_name_H-M   'C 2 2 21'
#
loop_
_entity.id
_entity.type
_entity.pdbx_description
1 polymer 'Antigen-presenting glycoprotein CD1d1'
2 polymer Beta-2-microglobulin
3 polymer 'Chimeric T cell antigen receptor alpha chain Va14,Va24,Ja18'
4 polymer 'Chimeric T cell antigen receptor beta chain Vb8.2, vb11'
5 branched 2-acetamido-2-deoxy-beta-D-glucopyranose-(1-4)-[alpha-L-fucopyranose-(1-6)]2-acetamido-2-deoxy-beta-D-glucopyranose
6 non-polymer 2-acetamido-2-deoxy-beta-D-glucopyranose
7 non-polymer 'PALMITIC ACID'
8 non-polymer '(5R,6S,7S)-5,6-dihydroxy-7-(octanoylamino)-N-[(1E)-4-phenylbutylidene]-8-{[(2S,3R,4S,5R,6R)-3,4,5-trihydroxy-6-(hydroxymethyl)tetrahydro-2H-pyran-2-yl]oxy}octanamide (non-preferred name)'
9 non-polymer 'SODIUM ION'
#
loop_
_entity_poly.entity_id
_entity_poly.type
_entity_poly.pdbx_seq_one_letter_code
_entity_poly.pdbx_strand_id
1 'polypeptide(L)'
;SEAQQKNYTFRCLQMSSFANRSWSRTDSVVWLGDLQTHRWSNDSATISFTKPWSQGKLSNQQWEKLQHMFQVYRVSFTRD
IQELVKMMSPKEDYPIEIQLSAGCEMYPGNASESFLHVAFQGKYVVRFWGTSWQTVPGAPSWLDLPIKVLNADQGTSATV
QMLLNDTCPLFVRGLLEAGKSDLEKQEKPVAWLSSVPSSAHGHRQLVCHVSGFYPKPVWVMWMRGDQEQQGTHRGDFLPN
ADETWYLQATLDVEAGEEAGLACRVKHSSLGGQDIILYWHHHHHH
;
A
2 'polypeptide(L)'
;IQKTPQIQVYSRHPPENGKPNILNCYVTQFHPPHIEIQMLKNGKKIPKVEMSDMSFSKDWSFYILAHTEFTPTETDTYAC
RVKHASMAEPKTVYWDRDM
;
B
3 'polypeptide(L)'
;MKTQVEQSPQSLVVRQGENCVLQCNYSVTPDNHLRWFKQDTGKGLVSLTVLVDQKDKTSNGRYSATLDKDAKHSTLHITA
TLLDDTATYICVVGDRGSALGRLHFGAGTQLIVIPDIQNPDPAVYQLRDSKSSDKSVCLFTDFDSQTNVSQSKDSDVYIT
DKCVLDMRSMDFKSNSAVAWSNKSDFACANAFNNSIIPEDTFFPSPESS
;
C
4 'polypeptide(L)'
;MEAAVTQSPRNKVAVTGGKVTLSCNQTNNHNNMYWYRQDTGHGLRLIHYSYGAGSTEKGDIPDGYKASRPSQENFSLILE
LATPSQTSVYFCASGDEGYTQYFGPGTRLLVLEDLRNVTPPKVSLFEPSKAEISHTQKATLVCLATGFYPDHVELSWWVN
GKEVHSGVCTDPQPLKEQPALNDSRYSLSSRLRVSATFWQNPRNHFRCQVQFYGLSENDEWTQDRAKPVTQIVSAEAWGR
A
;
D
#
loop_
_chem_comp.id
_chem_comp.type
_chem_comp.name
_chem_comp.formula
FJJ non-polymer '(5R,6S,7S)-5,6-dihydroxy-7-(octanoylamino)-N-[(1E)-4-phenylbutylidene]-8-{[(2S,3R,4S,5R,6R)-3,4,5-trihydroxy-6-(hydroxymethyl)tetrahydro-2H-pyran-2-yl]oxy}octanamide (non-preferred name)' 'C32 H52 N2 O10'
FUC L-saccharide, alpha linking alpha-L-fucopyranose 'C6 H12 O5'
NA non-polymer 'SODIUM ION' 'Na 1'
NAG D-saccharide, beta linking 2-acetamido-2-deoxy-beta-D-glucopyranose 'C8 H15 N O6'
PLM non-polymer 'PALMITIC ACID' 'C16 H32 O2'
#
# COMPACT_ATOMS: atom_id res chain seq x y z
N ASN A 7 28.70 14.44 29.39
CA ASN A 7 28.58 13.21 28.54
C ASN A 7 27.11 12.69 28.52
N TYR A 8 26.33 13.10 27.52
CA TYR A 8 24.86 12.93 27.50
C TYR A 8 24.34 11.93 26.48
N THR A 9 23.14 11.42 26.74
CA THR A 9 22.45 10.45 25.89
C THR A 9 21.06 10.95 25.52
N PHE A 10 20.79 11.00 24.22
CA PHE A 10 19.50 11.42 23.69
C PHE A 10 18.68 10.16 23.35
N ARG A 11 17.47 10.03 23.90
CA ARG A 11 16.60 8.86 23.66
C ARG A 11 15.22 9.27 23.15
N CYS A 12 14.79 8.69 22.04
CA CYS A 12 13.40 8.77 21.55
C CYS A 12 12.71 7.46 21.85
N LEU A 13 11.95 7.41 22.93
CA LEU A 13 11.32 6.16 23.33
C LEU A 13 9.91 6.17 22.78
N GLN A 14 9.62 5.22 21.90
CA GLN A 14 8.29 5.06 21.30
C GLN A 14 7.70 3.76 21.78
N MET A 15 6.39 3.76 22.04
CA MET A 15 5.69 2.56 22.48
C MET A 15 4.36 2.48 21.75
N SER A 16 4.06 1.29 21.24
CA SER A 16 2.90 1.09 20.38
C SER A 16 2.15 -0.16 20.84
N SER A 17 0.83 -0.08 20.94
CA SER A 17 0.00 -1.17 21.46
C SER A 17 -1.14 -1.48 20.51
N PHE A 18 -1.09 -2.63 19.88
CA PHE A 18 -2.09 -3.08 18.91
C PHE A 18 -3.01 -4.12 19.57
N ALA A 19 -4.24 -3.73 19.87
CA ALA A 19 -5.16 -4.57 20.66
C ALA A 19 -5.94 -5.54 19.79
N ASN A 20 -6.55 -5.02 18.72
CA ASN A 20 -7.29 -5.80 17.74
C ASN A 20 -6.64 -5.56 16.38
N ARG A 21 -7.25 -6.06 15.32
CA ARG A 21 -6.92 -5.68 13.94
C ARG A 21 -7.13 -4.17 13.69
N SER A 22 -8.12 -3.59 14.37
CA SER A 22 -8.54 -2.22 14.14
C SER A 22 -8.55 -1.33 15.41
N TRP A 23 -7.58 -1.51 16.30
CA TRP A 23 -7.38 -0.59 17.44
C TRP A 23 -5.92 -0.61 17.78
N SER A 24 -5.28 0.54 17.67
CA SER A 24 -3.92 0.67 18.15
C SER A 24 -3.68 2.09 18.61
N ARG A 25 -2.55 2.29 19.25
CA ARG A 25 -2.07 3.63 19.53
C ARG A 25 -0.56 3.61 19.58
N THR A 26 0.04 4.75 19.29
CA THR A 26 1.47 4.94 19.41
C THR A 26 1.73 6.29 20.06
N ASP A 27 2.50 6.27 21.14
CA ASP A 27 2.89 7.47 21.88
C ASP A 27 4.40 7.47 22.01
N SER A 28 4.99 8.65 22.07
CA SER A 28 6.45 8.81 22.13
C SER A 28 6.85 9.81 23.19
N VAL A 29 8.03 9.64 23.77
CA VAL A 29 8.64 10.67 24.62
C VAL A 29 10.11 10.71 24.32
N VAL A 30 10.72 11.85 24.62
CA VAL A 30 12.10 12.08 24.27
C VAL A 30 12.84 12.59 25.48
N TRP A 31 14.04 12.05 25.73
CA TRP A 31 14.87 12.45 26.86
C TRP A 31 16.26 12.85 26.40
N LEU A 32 16.86 13.81 27.10
CA LEU A 32 18.25 14.18 26.94
C LEU A 32 18.88 14.10 28.31
N GLY A 33 19.66 13.06 28.55
CA GLY A 33 19.99 12.66 29.91
C GLY A 33 18.68 12.27 30.58
N ASP A 34 18.35 12.94 31.67
CA ASP A 34 17.11 12.69 32.42
C ASP A 34 16.07 13.85 32.34
N LEU A 35 16.23 14.77 31.39
CA LEU A 35 15.24 15.83 31.10
C LEU A 35 14.39 15.53 29.85
N GLN A 36 13.06 15.59 29.97
CA GLN A 36 12.18 15.32 28.82
C GLN A 36 12.18 16.54 27.91
N THR A 37 12.42 16.34 26.61
CA THR A 37 12.42 17.43 25.62
C THR A 37 11.29 17.38 24.60
N HIS A 38 10.68 16.22 24.38
CA HIS A 38 9.51 16.11 23.47
C HIS A 38 8.47 15.12 24.01
N ARG A 39 7.31 15.14 23.36
CA ARG A 39 6.13 14.42 23.81
CA ARG A 39 6.14 14.38 23.79
C ARG A 39 5.21 14.29 22.61
N TRP A 40 4.80 13.08 22.24
CA TRP A 40 3.90 12.92 21.10
C TRP A 40 2.83 11.90 21.38
N SER A 41 1.67 12.40 21.83
CA SER A 41 0.50 11.57 22.08
C SER A 41 -0.11 11.03 20.78
N ASN A 42 -0.72 9.84 20.82
CA ASN A 42 -1.54 9.34 19.69
C ASN A 42 -2.57 10.41 19.30
N ASP A 43 -3.12 11.05 20.34
CA ASP A 43 -4.16 12.08 20.22
C ASP A 43 -3.81 13.29 19.36
N SER A 44 -2.55 13.75 19.40
CA SER A 44 -2.12 14.94 18.62
C SER A 44 -1.50 14.60 17.25
N ALA A 45 -1.89 15.40 16.27
CA ALA A 45 -1.33 15.34 14.93
C ALA A 45 0.14 15.81 14.87
N THR A 46 0.60 16.54 15.90
CA THR A 46 1.93 17.12 15.92
C THR A 46 2.68 16.72 17.19
N ILE A 47 4.01 16.73 17.08
CA ILE A 47 4.97 16.53 18.18
C ILE A 47 5.04 17.81 19.01
N SER A 48 5.06 17.67 20.34
CA SER A 48 5.06 18.81 21.26
C SER A 48 6.41 19.01 21.92
N PHE A 49 6.80 20.27 22.10
CA PHE A 49 7.97 20.61 22.89
C PHE A 49 7.57 20.64 24.37
N THR A 50 8.38 20.02 25.22
CA THR A 50 8.22 20.10 26.67
C THR A 50 9.21 21.09 27.30
N LYS A 51 10.06 21.69 26.48
CA LYS A 51 10.98 22.73 26.92
C LYS A 51 10.96 23.88 25.92
N PRO A 52 11.46 25.05 26.32
CA PRO A 52 11.62 26.18 25.37
C PRO A 52 12.58 25.87 24.22
N TRP A 53 13.60 25.06 24.50
CA TRP A 53 14.77 24.86 23.61
C TRP A 53 14.73 23.52 22.85
N SER A 54 13.55 22.88 22.82
CA SER A 54 13.36 21.54 22.26
C SER A 54 13.58 21.49 20.73
N GLN A 55 13.38 22.61 20.05
CA GLN A 55 13.68 22.72 18.63
C GLN A 55 15.19 22.70 18.35
N GLY A 56 16.00 23.00 19.37
CA GLY A 56 17.45 23.00 19.24
C GLY A 56 17.94 24.18 18.42
N LYS A 57 18.95 23.94 17.58
CA LYS A 57 19.48 24.95 16.66
C LYS A 57 18.85 24.82 15.27
N LEU A 58 17.84 23.94 15.11
CA LEU A 58 17.13 23.79 13.84
C LEU A 58 16.23 24.99 13.52
N SER A 59 16.25 25.44 12.27
CA SER A 59 15.31 26.47 11.79
C SER A 59 13.88 25.93 11.80
N ASN A 60 12.90 26.82 11.71
CA ASN A 60 11.51 26.40 11.67
C ASN A 60 11.23 25.53 10.44
N GLN A 61 11.91 25.83 9.33
CA GLN A 61 11.68 25.09 8.09
C GLN A 61 12.21 23.65 8.18
N GLN A 62 13.35 23.47 8.81
CA GLN A 62 13.92 22.14 9.04
C GLN A 62 13.09 21.29 9.99
N TRP A 63 12.57 21.90 11.05
CA TRP A 63 11.65 21.22 11.97
C TRP A 63 10.38 20.72 11.26
N GLU A 64 9.81 21.57 10.40
CA GLU A 64 8.59 21.22 9.66
C GLU A 64 8.84 19.98 8.81
N LYS A 65 9.93 20.02 8.06
CA LYS A 65 10.33 18.91 7.19
C LYS A 65 10.55 17.61 7.98
N LEU A 66 11.16 17.75 9.14
CA LEU A 66 11.49 16.64 10.02
C LEU A 66 10.27 16.03 10.72
N GLN A 67 9.42 16.89 11.29
CA GLN A 67 8.15 16.47 11.86
C GLN A 67 7.22 15.84 10.82
N HIS A 68 7.20 16.36 9.60
CA HIS A 68 6.38 15.75 8.54
C HIS A 68 6.84 14.31 8.26
N MET A 69 8.14 14.07 8.28
CA MET A 69 8.68 12.72 8.14
C MET A 69 8.10 11.80 9.21
N PHE A 70 8.09 12.27 10.45
CA PHE A 70 7.54 11.52 11.57
C PHE A 70 6.03 11.34 11.45
N GLN A 71 5.31 12.39 11.03
CA GLN A 71 3.86 12.28 10.84
C GLN A 71 3.46 11.19 9.84
N VAL A 72 4.25 11.03 8.79
CA VAL A 72 4.04 9.97 7.79
C VAL A 72 4.55 8.64 8.31
N TYR A 73 5.66 8.66 9.06
CA TYR A 73 6.16 7.45 9.74
C TYR A 73 5.11 6.78 10.62
N ARG A 74 4.43 7.57 11.43
CA ARG A 74 3.48 7.01 12.38
C ARG A 74 2.32 6.27 11.73
N VAL A 75 1.78 6.85 10.66
CA VAL A 75 0.66 6.23 9.93
C VAL A 75 1.13 4.97 9.23
N SER A 76 2.28 5.09 8.56
CA SER A 76 2.88 3.99 7.82
C SER A 76 3.29 2.87 8.76
N PHE A 77 3.94 3.24 9.87
CA PHE A 77 4.31 2.26 10.92
C PHE A 77 3.12 1.43 11.38
N THR A 78 2.01 2.09 11.68
CA THR A 78 0.80 1.42 12.12
C THR A 78 0.28 0.43 11.10
N ARG A 79 0.23 0.85 9.84
CA ARG A 79 -0.29 0.01 8.76
C ARG A 79 0.60 -1.22 8.56
N ASP A 80 1.92 -0.99 8.53
CA ASP A 80 2.91 -2.04 8.31
C ASP A 80 2.80 -3.14 9.34
N ILE A 81 2.82 -2.76 10.61
CA ILE A 81 2.66 -3.68 11.72
C ILE A 81 1.41 -4.53 11.47
N GLN A 82 0.27 -3.88 11.32
CA GLN A 82 -0.99 -4.56 11.00
C GLN A 82 -0.91 -5.56 9.84
N GLU A 83 -0.16 -5.21 8.79
CA GLU A 83 0.09 -6.10 7.65
C GLU A 83 1.05 -7.23 8.01
N LEU A 84 2.13 -6.91 8.74
CA LEU A 84 3.09 -7.92 9.20
C LEU A 84 2.44 -8.98 10.09
N VAL A 85 1.41 -8.61 10.85
CA VAL A 85 0.62 -9.56 11.61
C VAL A 85 -0.07 -10.50 10.63
N LYS A 86 -0.81 -9.93 9.66
CA LYS A 86 -1.49 -10.72 8.61
C LYS A 86 -0.55 -11.72 7.89
N MET A 87 0.71 -11.32 7.71
CA MET A 87 1.72 -12.11 7.01
C MET A 87 2.14 -13.33 7.82
N MET A 88 2.34 -13.13 9.12
CA MET A 88 2.75 -14.20 10.03
C MET A 88 1.58 -15.04 10.54
N SER A 89 0.35 -14.50 10.53
CA SER A 89 -0.86 -15.25 10.95
C SER A 89 -0.92 -16.69 10.39
N PRO A 90 -1.24 -17.69 11.22
CA PRO A 90 -1.65 -17.53 12.64
C PRO A 90 -0.52 -17.54 13.70
N LYS A 91 0.75 -17.50 13.28
CA LYS A 91 1.92 -17.59 14.20
C LYS A 91 1.92 -16.59 15.37
N GLU A 92 1.79 -15.30 15.07
CA GLU A 92 1.67 -14.28 16.11
C GLU A 92 0.40 -13.48 15.85
N ASP A 93 -0.34 -13.22 16.93
CA ASP A 93 -1.62 -12.50 16.88
C ASP A 93 -1.64 -11.41 17.98
N TYR A 94 -2.64 -10.53 17.89
CA TYR A 94 -2.88 -9.49 18.90
C TYR A 94 -3.27 -10.14 20.24
N PRO A 95 -3.01 -9.50 21.39
CA PRO A 95 -2.39 -8.19 21.50
C PRO A 95 -0.89 -8.18 21.17
N ILE A 96 -0.42 -7.07 20.58
CA ILE A 96 0.99 -6.88 20.25
C ILE A 96 1.43 -5.55 20.84
N GLU A 97 2.53 -5.60 21.59
CA GLU A 97 3.23 -4.41 22.11
CA GLU A 97 3.20 -4.40 22.10
C GLU A 97 4.57 -4.26 21.38
N ILE A 98 4.87 -3.06 20.90
CA ILE A 98 6.11 -2.80 20.18
C ILE A 98 6.75 -1.55 20.75
N GLN A 99 8.06 -1.62 20.96
CA GLN A 99 8.82 -0.50 21.50
C GLN A 99 10.05 -0.22 20.63
N LEU A 100 10.29 1.04 20.28
CA LEU A 100 11.58 1.47 19.73
C LEU A 100 12.32 2.26 20.79
N SER A 101 13.64 2.17 20.78
CA SER A 101 14.50 3.08 21.53
C SER A 101 15.57 3.56 20.57
N ALA A 102 15.51 4.82 20.19
CA ALA A 102 16.32 5.37 19.10
C ALA A 102 16.97 6.70 19.51
N GLY A 103 18.20 6.93 19.08
CA GLY A 103 18.91 8.15 19.46
C GLY A 103 20.40 7.98 19.34
N CYS A 104 21.15 8.85 20.01
CA CYS A 104 22.61 8.89 19.88
C CYS A 104 23.30 9.39 21.14
N GLU A 105 24.20 8.58 21.70
CA GLU A 105 25.02 9.03 22.84
C GLU A 105 26.14 9.92 22.32
N MET A 106 26.36 11.04 23.00
CA MET A 106 27.31 12.08 22.56
C MET A 106 28.55 12.11 23.45
N TYR A 107 29.73 12.10 22.84
CA TYR A 107 31.02 12.11 23.53
C TYR A 107 31.82 13.38 23.14
N PRO A 108 32.99 13.65 23.78
CA PRO A 108 33.74 14.85 23.37
C PRO A 108 34.49 14.65 22.04
N GLY A 109 35.05 15.74 21.51
CA GLY A 109 35.41 15.82 20.11
C GLY A 109 34.12 15.86 19.33
N ASN A 110 34.08 15.17 18.19
CA ASN A 110 32.83 14.98 17.44
C ASN A 110 32.14 13.63 17.75
N ALA A 111 32.80 12.77 18.54
CA ALA A 111 32.42 11.35 18.66
C ALA A 111 30.97 11.15 19.12
N SER A 112 30.22 10.33 18.36
CA SER A 112 28.88 9.88 18.75
C SER A 112 28.65 8.43 18.32
N GLU A 113 27.64 7.80 18.93
CA GLU A 113 27.22 6.44 18.61
C GLU A 113 25.71 6.51 18.50
N SER A 114 25.15 6.15 17.35
CA SER A 114 23.69 6.19 17.17
C SER A 114 23.15 4.78 17.26
N PHE A 115 21.96 4.63 17.84
CA PHE A 115 21.33 3.32 18.06
C PHE A 115 19.87 3.36 17.66
N LEU A 116 19.29 2.18 17.47
CA LEU A 116 17.85 2.05 17.17
C LEU A 116 17.44 0.60 17.45
N HIS A 117 16.96 0.38 18.67
CA HIS A 117 16.64 -0.96 19.15
C HIS A 117 15.14 -1.15 19.18
N VAL A 118 14.65 -2.29 18.70
CA VAL A 118 13.23 -2.59 18.69
C VAL A 118 12.97 -3.76 19.60
N ALA A 119 11.89 -3.67 20.38
CA ALA A 119 11.47 -4.76 21.25
C ALA A 119 10.05 -5.21 20.91
N PHE A 120 9.82 -6.52 20.98
CA PHE A 120 8.54 -7.14 20.65
C PHE A 120 8.05 -7.96 21.85
N GLN A 121 6.89 -7.56 22.38
CA GLN A 121 6.34 -8.12 23.61
C GLN A 121 7.32 -8.02 24.78
N GLY A 122 8.12 -6.95 24.82
CA GLY A 122 9.09 -6.72 25.89
C GLY A 122 10.49 -7.28 25.69
N LYS A 123 10.72 -8.05 24.61
CA LYS A 123 12.04 -8.62 24.33
C LYS A 123 12.66 -7.86 23.18
N TYR A 124 13.88 -7.39 23.40
CA TYR A 124 14.72 -6.79 22.35
C TYR A 124 14.99 -7.85 21.27
N VAL A 125 14.44 -7.65 20.07
CA VAL A 125 14.57 -8.62 18.96
C VAL A 125 15.27 -8.08 17.73
N VAL A 126 15.06 -6.81 17.38
CA VAL A 126 15.57 -6.23 16.14
C VAL A 126 16.31 -4.92 16.43
N ARG A 127 17.39 -4.68 15.69
CA ARG A 127 18.08 -3.39 15.69
C ARG A 127 18.34 -2.96 14.28
N PHE A 128 18.55 -1.66 14.10
CA PHE A 128 19.05 -1.18 12.83
C PHE A 128 20.55 -1.07 13.01
N TRP A 129 21.31 -1.73 12.13
CA TRP A 129 22.77 -1.72 12.20
C TRP A 129 23.38 -1.53 10.82
N GLY A 130 24.24 -0.53 10.69
CA GLY A 130 24.89 -0.18 9.44
C GLY A 130 23.98 0.26 8.31
N THR A 131 23.46 -0.73 7.59
CA THR A 131 22.75 -0.54 6.32
C THR A 131 21.36 -1.18 6.31
N SER A 132 21.02 -1.89 7.38
CA SER A 132 19.84 -2.75 7.33
C SER A 132 19.34 -3.13 8.71
N TRP A 133 18.13 -3.67 8.71
CA TRP A 133 17.54 -4.28 9.87
C TRP A 133 18.11 -5.70 9.98
N GLN A 134 18.44 -6.10 11.21
CA GLN A 134 18.87 -7.46 11.52
C GLN A 134 18.35 -7.82 12.90
N THR A 135 18.09 -9.10 13.09
CA THR A 135 17.72 -9.60 14.41
C THR A 135 18.96 -9.70 15.29
N VAL A 136 18.71 -9.80 16.59
CA VAL A 136 19.78 -9.94 17.59
C VAL A 136 19.74 -11.35 18.18
N PRO A 137 20.87 -11.80 18.77
CA PRO A 137 20.90 -13.12 19.42
C PRO A 137 19.73 -13.30 20.36
N GLY A 138 19.02 -14.42 20.22
CA GLY A 138 17.84 -14.71 21.04
C GLY A 138 16.53 -14.58 20.29
N ALA A 139 16.55 -13.79 19.23
CA ALA A 139 15.36 -13.52 18.45
C ALA A 139 14.83 -14.78 17.83
N PRO A 140 13.50 -14.92 17.73
CA PRO A 140 12.90 -16.00 16.94
C PRO A 140 13.36 -16.07 15.46
N SER A 141 13.20 -17.22 14.84
CA SER A 141 13.56 -17.39 13.45
C SER A 141 12.50 -16.84 12.52
N TRP A 142 11.24 -16.84 12.95
CA TRP A 142 10.13 -16.34 12.12
C TRP A 142 10.26 -14.87 11.72
N LEU A 143 10.94 -14.08 12.55
CA LEU A 143 11.26 -12.68 12.25
C LEU A 143 12.13 -12.46 11.00
N ASP A 144 12.85 -13.49 10.54
CA ASP A 144 13.60 -13.42 9.29
C ASP A 144 12.73 -12.98 8.10
N LEU A 145 11.45 -13.35 8.07
CA LEU A 145 10.57 -12.90 6.98
C LEU A 145 10.23 -11.40 7.10
N PRO A 146 9.73 -10.96 8.27
CA PRO A 146 9.64 -9.53 8.54
C PRO A 146 10.90 -8.75 8.19
N ILE A 147 12.06 -9.16 8.70
CA ILE A 147 13.32 -8.46 8.42
C ILE A 147 13.63 -8.40 6.92
N LYS A 148 13.32 -9.48 6.21
CA LYS A 148 13.54 -9.54 4.76
C LYS A 148 12.68 -8.54 4.00
N VAL A 149 11.49 -8.29 4.54
CA VAL A 149 10.52 -7.36 3.96
C VAL A 149 10.91 -5.91 4.28
N LEU A 150 11.27 -5.64 5.53
CA LEU A 150 11.74 -4.30 5.90
C LEU A 150 13.03 -3.88 5.18
N ASN A 151 13.93 -4.85 4.95
CA ASN A 151 15.17 -4.61 4.19
C ASN A 151 14.95 -4.48 2.68
N ALA A 152 13.79 -4.93 2.20
CA ALA A 152 13.38 -4.69 0.81
C ALA A 152 13.11 -3.21 0.51
N ASP A 153 12.80 -2.43 1.53
CA ASP A 153 12.44 -1.01 1.38
C ASP A 153 13.68 -0.12 1.44
N GLN A 154 14.31 0.07 0.28
CA GLN A 154 15.55 0.86 0.18
C GLN A 154 15.35 2.31 0.63
N GLY A 155 14.18 2.88 0.32
CA GLY A 155 13.86 4.26 0.71
C GLY A 155 13.94 4.48 2.21
N THR A 156 13.26 3.62 2.95
CA THR A 156 13.29 3.65 4.42
C THR A 156 14.73 3.50 4.93
N SER A 157 15.51 2.61 4.31
CA SER A 157 16.89 2.35 4.76
C SER A 157 17.74 3.60 4.68
N ALA A 158 17.73 4.26 3.53
CA ALA A 158 18.48 5.50 3.31
C ALA A 158 18.10 6.59 4.30
N THR A 159 16.80 6.77 4.51
CA THR A 159 16.29 7.78 5.43
C THR A 159 16.77 7.50 6.85
N VAL A 160 16.65 6.23 7.27
CA VAL A 160 17.03 5.79 8.62
C VAL A 160 18.54 5.93 8.81
N GLN A 161 19.31 5.56 7.78
CA GLN A 161 20.77 5.81 7.77
C GLN A 161 21.12 7.29 7.99
N MET A 162 20.49 8.20 7.23
CA MET A 162 20.68 9.65 7.40
C MET A 162 20.31 10.10 8.82
N LEU A 163 19.14 9.66 9.30
CA LEU A 163 18.67 10.00 10.66
C LEU A 163 19.66 9.62 11.75
N LEU A 164 20.21 8.41 11.64
CA LEU A 164 21.12 7.88 12.65
C LEU A 164 22.50 8.50 12.52
N ASN A 165 23.05 8.51 11.30
CA ASN A 165 24.42 8.97 11.08
C ASN A 165 24.60 10.49 11.21
N ASP A 166 23.64 11.27 10.70
CA ASP A 166 23.80 12.73 10.59
C ASP A 166 22.81 13.53 11.45
N THR A 167 21.53 13.32 11.23
CA THR A 167 20.49 14.14 11.86
C THR A 167 20.56 14.12 13.37
N CYS A 168 20.69 12.94 13.96
CA CYS A 168 20.71 12.83 15.42
C CYS A 168 21.86 13.62 16.04
N PRO A 169 23.12 13.34 15.65
CA PRO A 169 24.21 14.05 16.32
C PRO A 169 24.20 15.55 16.04
N LEU A 170 23.85 15.96 14.83
CA LEU A 170 23.73 17.39 14.52
C LEU A 170 22.70 18.02 15.45
N PHE A 171 21.52 17.42 15.51
CA PHE A 171 20.40 17.93 16.29
C PHE A 171 20.70 18.05 17.77
N VAL A 172 21.36 17.02 18.31
CA VAL A 172 21.69 16.97 19.73
C VAL A 172 22.78 17.99 20.09
N ARG A 173 23.81 18.14 19.25
CA ARG A 173 24.78 19.23 19.43
C ARG A 173 24.07 20.57 19.51
N GLY A 174 23.00 20.72 18.73
CA GLY A 174 22.14 21.89 18.81
C GLY A 174 21.41 22.01 20.14
N LEU A 175 20.77 20.92 20.56
CA LEU A 175 20.06 20.88 21.84
C LEU A 175 20.94 21.28 23.02
N LEU A 176 22.17 20.76 23.04
CA LEU A 176 23.08 20.95 24.17
C LEU A 176 23.49 22.41 24.36
N GLU A 177 23.65 23.13 23.26
CA GLU A 177 23.91 24.57 23.34
C GLU A 177 22.67 25.31 23.84
N ALA A 178 21.51 25.00 23.26
CA ALA A 178 20.24 25.70 23.56
C ALA A 178 19.69 25.39 24.95
N GLY A 179 19.89 24.17 25.44
CA GLY A 179 19.43 23.76 26.77
C GLY A 179 20.47 23.81 27.87
N LYS A 180 21.60 24.46 27.62
CA LYS A 180 22.75 24.52 28.55
C LYS A 180 22.36 24.85 30.00
N SER A 181 21.52 25.86 30.17
CA SER A 181 21.16 26.34 31.51
C SER A 181 20.22 25.40 32.27
N ASP A 182 19.24 24.81 31.58
CA ASP A 182 18.39 23.77 32.19
C ASP A 182 19.19 22.48 32.52
N LEU A 183 20.15 22.13 31.66
CA LEU A 183 20.97 20.93 31.88
C LEU A 183 21.99 21.12 33.01
N GLU A 184 22.66 22.27 33.03
CA GLU A 184 23.62 22.61 34.11
C GLU A 184 22.94 23.09 35.42
N LYS A 185 21.60 23.19 35.42
CA LYS A 185 20.77 23.42 36.62
C LYS A 185 21.31 22.82 37.93
N GLN A 186 21.26 23.62 39.00
CA GLN A 186 21.67 23.18 40.35
C GLN A 186 20.59 23.49 41.40
N GLU A 187 19.76 22.49 41.69
CA GLU A 187 18.70 22.56 42.71
C GLU A 187 19.16 21.82 43.95
N LYS A 188 18.85 22.36 45.13
CA LYS A 188 19.37 21.82 46.38
C LYS A 188 18.46 20.75 46.99
N PRO A 189 19.06 19.71 47.61
CA PRO A 189 18.26 18.74 48.36
C PRO A 189 17.78 19.33 49.67
N VAL A 190 16.63 18.84 50.13
CA VAL A 190 16.14 19.11 51.47
C VAL A 190 15.92 17.74 52.09
N ALA A 191 16.33 17.57 53.35
CA ALA A 191 16.28 16.29 54.01
C ALA A 191 15.38 16.32 55.22
N TRP A 192 14.93 15.14 55.64
CA TRP A 192 14.19 14.98 56.90
C TRP A 192 14.27 13.53 57.40
N LEU A 193 13.93 13.35 58.68
CA LEU A 193 14.12 12.06 59.35
C LEU A 193 12.80 11.46 59.82
N SER A 194 12.82 10.15 60.04
CA SER A 194 11.66 9.38 60.54
C SER A 194 12.06 7.94 60.88
N SER A 195 11.15 7.18 61.51
CA SER A 195 11.39 5.76 61.85
C SER A 195 10.12 4.92 61.73
N VAL A 196 10.26 3.60 61.87
CA VAL A 196 9.13 2.66 61.74
C VAL A 196 9.20 1.52 62.75
N ARG A 204 13.91 -1.09 65.04
CA ARG A 204 13.52 0.13 64.34
C ARG A 204 14.42 0.38 63.12
N GLN A 205 13.81 0.80 62.01
CA GLN A 205 14.55 1.25 60.82
C GLN A 205 14.43 2.77 60.73
N LEU A 206 15.58 3.45 60.77
CA LEU A 206 15.65 4.91 60.62
C LEU A 206 15.73 5.28 59.13
N VAL A 207 15.01 6.33 58.72
CA VAL A 207 14.86 6.72 57.31
C VAL A 207 15.29 8.17 57.13
N CYS A 208 16.31 8.40 56.30
CA CYS A 208 16.73 9.75 55.94
C CYS A 208 16.24 10.07 54.53
N HIS A 209 15.19 10.90 54.44
CA HIS A 209 14.59 11.25 53.15
C HIS A 209 15.38 12.42 52.60
N VAL A 210 15.67 12.40 51.30
CA VAL A 210 16.36 13.51 50.62
C VAL A 210 15.61 13.80 49.32
N SER A 211 15.27 15.08 49.10
CA SER A 211 14.40 15.46 47.97
C SER A 211 14.57 16.88 47.48
N GLY A 212 14.30 17.07 46.18
CA GLY A 212 14.42 18.37 45.51
C GLY A 212 15.71 18.63 44.73
N PHE A 213 16.60 17.63 44.68
CA PHE A 213 17.99 17.84 44.19
C PHE A 213 18.16 17.47 42.71
N TYR A 214 18.93 18.30 42.02
CA TYR A 214 19.32 18.07 40.63
C TYR A 214 20.72 18.66 40.38
N PRO A 215 21.65 17.91 39.77
CA PRO A 215 21.42 16.65 39.04
C PRO A 215 21.39 15.38 39.90
N LYS A 216 21.29 14.23 39.24
CA LYS A 216 21.08 12.95 39.93
C LYS A 216 22.20 12.45 40.88
N PRO A 217 23.49 12.77 40.60
CA PRO A 217 24.54 12.32 41.53
C PRO A 217 24.45 12.96 42.92
N VAL A 218 24.32 12.10 43.94
CA VAL A 218 24.23 12.52 45.34
C VAL A 218 24.80 11.41 46.25
N TRP A 219 25.25 11.80 47.44
CA TRP A 219 25.81 10.90 48.45
C TRP A 219 25.05 11.08 49.76
N VAL A 220 24.56 9.97 50.33
CA VAL A 220 23.79 9.99 51.58
C VAL A 220 24.29 8.89 52.52
N MET A 221 24.72 9.30 53.71
CA MET A 221 25.24 8.38 54.73
C MET A 221 24.71 8.69 56.12
N TRP A 222 24.40 7.64 56.87
CA TRP A 222 24.19 7.76 58.32
C TRP A 222 25.54 7.86 59.01
N MET A 223 25.73 8.94 59.78
CA MET A 223 26.99 9.23 60.46
C MET A 223 26.77 9.30 61.96
N ARG A 224 27.45 8.42 62.72
CA ARG A 224 27.59 8.59 64.17
C ARG A 224 28.83 9.46 64.41
N GLY A 225 28.70 10.76 64.14
CA GLY A 225 29.81 11.70 64.23
C GLY A 225 30.78 11.59 63.06
N ASP A 226 31.90 10.89 63.29
CA ASP A 226 32.96 10.70 62.29
C ASP A 226 32.81 9.38 61.52
N GLN A 227 32.43 8.30 62.22
CA GLN A 227 32.36 6.96 61.60
C GLN A 227 31.16 6.78 60.67
N GLU A 228 31.42 6.34 59.44
CA GLU A 228 30.36 5.98 58.47
C GLU A 228 29.69 4.69 58.91
N GLN A 229 28.36 4.69 58.98
CA GLN A 229 27.63 3.48 59.36
C GLN A 229 27.43 2.60 58.12
N GLN A 230 28.26 1.55 58.00
CA GLN A 230 28.27 0.63 56.85
C GLN A 230 26.91 -0.02 56.52
N GLY A 231 26.01 -0.12 57.51
CA GLY A 231 24.66 -0.65 57.29
C GLY A 231 23.65 0.24 56.56
N THR A 232 24.03 1.49 56.25
CA THR A 232 23.20 2.41 55.45
C THR A 232 22.78 1.79 54.10
N HIS A 233 21.49 1.52 53.93
CA HIS A 233 20.96 0.99 52.67
C HIS A 233 20.31 2.10 51.82
N ARG A 234 21.04 2.58 50.82
CA ARG A 234 20.51 3.55 49.84
C ARG A 234 19.49 2.86 48.94
N GLY A 235 18.35 3.53 48.72
CA GLY A 235 17.31 3.03 47.82
C GLY A 235 17.52 3.44 46.37
N ASP A 236 16.43 3.43 45.62
CA ASP A 236 16.42 3.91 44.23
C ASP A 236 16.21 5.40 44.18
N PHE A 237 16.67 6.01 43.09
CA PHE A 237 16.31 7.38 42.74
C PHE A 237 14.87 7.39 42.23
N LEU A 238 14.01 8.20 42.84
CA LEU A 238 12.60 8.33 42.45
C LEU A 238 12.35 9.75 41.96
N PRO A 239 11.59 9.91 40.87
CA PRO A 239 11.44 11.25 40.31
C PRO A 239 10.41 12.07 41.07
N ASN A 240 10.69 13.36 41.25
CA ASN A 240 9.65 14.33 41.56
C ASN A 240 9.07 14.87 40.25
N ALA A 241 7.87 15.46 40.33
CA ALA A 241 7.18 16.02 39.15
C ALA A 241 7.90 17.21 38.52
N ASP A 242 8.61 17.99 39.34
CA ASP A 242 9.29 19.22 38.88
C ASP A 242 10.70 19.01 38.29
N GLU A 243 10.98 17.81 37.78
CA GLU A 243 12.28 17.43 37.23
C GLU A 243 13.44 17.60 38.23
N THR A 244 13.22 17.07 39.43
CA THR A 244 14.24 16.94 40.48
C THR A 244 14.10 15.54 41.03
N TRP A 245 15.02 15.14 41.90
CA TRP A 245 15.10 13.75 42.35
C TRP A 245 14.78 13.55 43.82
N TYR A 246 14.42 12.31 44.15
CA TYR A 246 14.13 11.88 45.52
C TYR A 246 14.93 10.60 45.81
N LEU A 247 15.57 10.55 46.98
CA LEU A 247 16.26 9.33 47.45
C LEU A 247 16.12 9.22 48.95
N GLN A 248 16.02 7.98 49.44
CA GLN A 248 16.07 7.70 50.87
C GLN A 248 17.02 6.56 51.21
N ALA A 249 17.87 6.81 52.22
CA ALA A 249 18.77 5.83 52.80
C ALA A 249 18.25 5.41 54.17
N THR A 250 18.19 4.11 54.42
CA THR A 250 17.67 3.56 55.67
C THR A 250 18.77 2.81 56.43
N LEU A 251 18.91 3.09 57.74
CA LEU A 251 19.81 2.34 58.64
C LEU A 251 19.00 1.50 59.61
N ASP A 252 19.45 0.27 59.85
CA ASP A 252 18.77 -0.64 60.76
C ASP A 252 19.44 -0.61 62.14
N VAL A 253 18.68 -0.34 63.19
CA VAL A 253 19.21 -0.12 64.55
C VAL A 253 18.46 -0.87 65.66
N GLU A 254 19.06 -0.89 66.85
CA GLU A 254 18.37 -1.29 68.09
C GLU A 254 17.87 0.00 68.74
N ALA A 255 16.71 -0.07 69.40
CA ALA A 255 16.12 1.12 70.03
C ALA A 255 16.94 1.57 71.25
N GLY A 256 16.88 2.86 71.56
CA GLY A 256 17.75 3.48 72.58
C GLY A 256 19.16 3.83 72.09
N GLU A 257 19.43 3.54 70.80
CA GLU A 257 20.75 3.70 70.17
C GLU A 257 20.72 4.83 69.14
N GLU A 258 19.64 5.62 69.14
CA GLU A 258 19.42 6.66 68.15
C GLU A 258 20.04 8.01 68.53
N ALA A 259 20.59 8.12 69.75
CA ALA A 259 21.33 9.32 70.16
C ALA A 259 22.69 9.32 69.48
N GLY A 260 23.20 10.51 69.20
CA GLY A 260 24.47 10.70 68.48
C GLY A 260 24.52 10.10 67.07
N LEU A 261 23.37 10.01 66.42
CA LEU A 261 23.24 9.52 65.04
C LEU A 261 22.69 10.64 64.17
N ALA A 262 23.21 10.72 62.93
CA ALA A 262 22.81 11.76 61.99
C ALA A 262 22.82 11.25 60.55
N CYS A 263 22.30 12.08 59.65
CA CYS A 263 22.34 11.82 58.22
C CYS A 263 23.11 12.95 57.53
N ARG A 264 24.27 12.61 56.96
CA ARG A 264 25.04 13.56 56.15
C ARG A 264 24.67 13.39 54.67
N VAL A 265 24.47 14.52 53.99
CA VAL A 265 24.10 14.57 52.55
C VAL A 265 25.03 15.54 51.81
N LYS A 266 25.77 15.00 50.84
CA LYS A 266 26.64 15.79 49.95
C LYS A 266 25.98 15.93 48.56
N HIS A 267 26.05 17.14 48.01
CA HIS A 267 25.53 17.42 46.66
C HIS A 267 26.23 18.64 46.02
N SER A 268 26.26 18.67 44.69
CA SER A 268 26.93 19.73 43.93
C SER A 268 26.40 21.15 44.19
N SER A 269 25.15 21.26 44.59
CA SER A 269 24.47 22.56 44.77
C SER A 269 24.74 23.20 46.13
N LEU A 270 24.99 22.37 47.14
CA LEU A 270 25.28 22.83 48.50
C LEU A 270 26.61 23.59 48.64
N GLY A 271 27.54 23.38 47.69
CA GLY A 271 28.78 24.14 47.63
C GLY A 271 29.64 24.01 48.89
N GLY A 272 29.90 22.77 49.29
CA GLY A 272 30.73 22.48 50.48
C GLY A 272 29.98 22.40 51.79
N GLN A 273 28.81 23.05 51.86
CA GLN A 273 28.05 23.23 53.08
C GLN A 273 27.02 22.08 53.18
N ASP A 274 27.51 20.92 53.62
CA ASP A 274 26.69 19.68 53.67
C ASP A 274 25.51 19.81 54.62
N ILE A 275 24.45 19.07 54.34
CA ILE A 275 23.30 19.00 55.25
C ILE A 275 23.57 17.90 56.29
N ILE A 276 23.44 18.28 57.55
CA ILE A 276 23.62 17.39 58.70
C ILE A 276 22.33 17.47 59.53
N LEU A 277 21.61 16.35 59.63
CA LEU A 277 20.45 16.26 60.52
C LEU A 277 20.76 15.30 61.66
N TYR A 278 20.91 15.85 62.87
CA TYR A 278 21.06 15.03 64.08
C TYR A 278 19.66 14.59 64.51
N TRP A 279 19.54 13.30 64.83
CA TRP A 279 18.25 12.69 65.19
C TRP A 279 17.82 13.08 66.60
N GLN B 2 4.47 -11.13 31.50
CA GLN B 2 3.72 -10.23 32.42
C GLN B 2 4.50 -10.02 33.75
N LYS B 3 4.57 -8.76 34.21
CA LYS B 3 5.30 -8.38 35.44
C LYS B 3 4.41 -7.58 36.41
N THR B 4 4.58 -7.80 37.72
CA THR B 4 3.81 -7.09 38.77
C THR B 4 4.38 -5.68 39.06
N PRO B 5 3.52 -4.63 39.07
CA PRO B 5 4.01 -3.26 39.25
C PRO B 5 4.49 -2.95 40.68
N GLN B 6 5.60 -2.20 40.78
CA GLN B 6 6.13 -1.72 42.07
C GLN B 6 5.66 -0.29 42.31
N ILE B 7 4.86 -0.09 43.35
CA ILE B 7 4.29 1.20 43.70
C ILE B 7 5.07 1.81 44.87
N GLN B 8 5.36 3.11 44.79
CA GLN B 8 6.08 3.82 45.85
C GLN B 8 5.45 5.20 46.08
N VAL B 9 4.87 5.41 47.25
CA VAL B 9 4.22 6.68 47.59
C VAL B 9 5.17 7.52 48.45
N TYR B 10 5.35 8.79 48.09
CA TYR B 10 6.28 9.68 48.78
C TYR B 10 6.00 11.15 48.51
N SER B 11 6.25 12.00 49.51
CA SER B 11 5.95 13.43 49.42
C SER B 11 7.14 14.21 48.86
N ARG B 12 6.84 15.35 48.21
CA ARG B 12 7.85 16.18 47.55
C ARG B 12 8.65 16.97 48.57
N HIS B 13 7.94 17.66 49.46
CA HIS B 13 8.54 18.47 50.52
C HIS B 13 8.36 17.74 51.85
N PRO B 14 9.14 18.12 52.89
CA PRO B 14 8.95 17.42 54.18
C PRO B 14 7.54 17.60 54.69
N PRO B 15 6.89 16.53 55.18
CA PRO B 15 5.50 16.66 55.61
C PRO B 15 5.33 17.48 56.90
N GLU B 16 4.20 18.19 57.00
CA GLU B 16 3.85 18.97 58.18
C GLU B 16 2.34 19.15 58.18
N ASN B 17 1.67 18.70 59.22
CA ASN B 17 0.20 18.76 59.28
C ASN B 17 -0.25 20.19 59.07
N GLY B 18 -1.22 20.39 58.18
CA GLY B 18 -1.70 21.72 57.85
C GLY B 18 -0.98 22.45 56.73
N LYS B 19 0.27 22.09 56.43
CA LYS B 19 1.06 22.75 55.35
C LYS B 19 0.84 22.05 53.99
N PRO B 20 0.42 22.80 52.94
CA PRO B 20 0.34 22.25 51.57
C PRO B 20 1.62 21.60 51.05
N ASN B 21 1.46 20.61 50.18
CA ASN B 21 2.54 19.75 49.71
C ASN B 21 2.07 19.03 48.42
N ILE B 22 2.96 18.30 47.76
CA ILE B 22 2.60 17.38 46.68
C ILE B 22 2.93 15.93 47.08
N LEU B 23 1.98 15.02 46.83
CA LEU B 23 2.17 13.58 47.05
C LEU B 23 2.41 12.88 45.71
N ASN B 24 3.47 12.07 45.66
CA ASN B 24 3.90 11.40 44.44
C ASN B 24 3.67 9.90 44.58
N CYS B 25 3.03 9.30 43.58
CA CYS B 25 2.94 7.85 43.45
C CYS B 25 3.67 7.42 42.18
N TYR B 26 4.75 6.65 42.34
CA TYR B 26 5.62 6.26 41.25
C TYR B 26 5.46 4.76 40.99
N VAL B 27 4.77 4.43 39.89
CA VAL B 27 4.50 3.05 39.48
C VAL B 27 5.54 2.63 38.43
N THR B 28 6.19 1.48 38.66
CA THR B 28 7.29 1.02 37.78
C THR B 28 7.27 -0.49 37.55
N GLN B 29 8.12 -0.93 36.64
CA GLN B 29 8.41 -2.36 36.38
C GLN B 29 7.17 -3.20 36.05
N PHE B 30 6.38 -2.74 35.06
CA PHE B 30 5.17 -3.45 34.62
C PHE B 30 5.10 -3.63 33.10
N HIS B 31 4.34 -4.64 32.68
CA HIS B 31 4.21 -4.99 31.27
C HIS B 31 2.95 -5.88 31.15
N PRO B 32 2.00 -5.59 30.26
CA PRO B 32 1.99 -4.51 29.27
C PRO B 32 1.74 -3.11 29.88
N PRO B 33 1.81 -2.04 29.06
CA PRO B 33 1.63 -0.67 29.58
C PRO B 33 0.20 -0.18 29.92
N HIS B 34 -0.84 -0.94 29.55
CA HIS B 34 -2.21 -0.56 29.90
C HIS B 34 -2.40 -0.72 31.39
N ILE B 35 -2.54 0.40 32.10
CA ILE B 35 -2.53 0.43 33.56
C ILE B 35 -3.46 1.52 34.06
N GLU B 36 -4.14 1.27 35.17
CA GLU B 36 -5.07 2.25 35.72
C GLU B 36 -4.58 2.65 37.09
N ILE B 37 -4.38 3.95 37.30
CA ILE B 37 -3.85 4.47 38.55
C ILE B 37 -4.82 5.51 39.10
N GLN B 38 -5.17 5.37 40.37
CA GLN B 38 -5.93 6.38 41.11
C GLN B 38 -5.12 6.73 42.33
N MET B 39 -5.14 8.00 42.70
CA MET B 39 -4.66 8.41 44.01
C MET B 39 -5.89 8.65 44.88
N LEU B 40 -5.83 8.13 46.11
CA LEU B 40 -6.98 8.10 47.01
C LEU B 40 -6.73 8.92 48.27
N LYS B 41 -7.73 9.70 48.67
CA LYS B 41 -7.78 10.35 49.99
C LYS B 41 -8.90 9.69 50.80
N ASN B 42 -8.54 9.11 51.94
CA ASN B 42 -9.49 8.36 52.81
C ASN B 42 -10.17 7.17 52.11
N GLY B 43 -9.58 6.69 51.00
CA GLY B 43 -10.20 5.68 50.15
C GLY B 43 -11.16 6.17 49.09
N LYS B 44 -11.27 7.49 48.91
CA LYS B 44 -12.09 8.09 47.84
C LYS B 44 -11.17 8.65 46.78
N LYS B 45 -11.65 8.67 45.53
CA LYS B 45 -10.86 9.12 44.38
C LYS B 45 -10.63 10.64 44.38
N ILE B 46 -9.35 11.05 44.41
CA ILE B 46 -8.96 12.45 44.32
C ILE B 46 -9.29 12.93 42.90
N PRO B 47 -9.84 14.15 42.73
CA PRO B 47 -10.24 14.60 41.39
C PRO B 47 -9.11 15.03 40.46
N LYS B 48 -8.20 15.90 40.93
CA LYS B 48 -7.20 16.53 40.05
C LYS B 48 -5.82 15.87 40.16
N VAL B 49 -5.71 14.62 39.69
CA VAL B 49 -4.42 13.88 39.65
C VAL B 49 -3.71 14.12 38.32
N GLU B 50 -2.58 14.82 38.37
CA GLU B 50 -1.72 15.00 37.20
C GLU B 50 -0.90 13.72 36.97
N MET B 51 -0.87 13.26 35.72
CA MET B 51 -0.05 12.11 35.29
C MET B 51 1.03 12.58 34.33
N SER B 52 2.26 12.10 34.51
CA SER B 52 3.32 12.34 33.53
C SER B 52 3.11 11.41 32.35
N ASP B 53 3.87 11.62 31.29
CA ASP B 53 3.80 10.74 30.13
C ASP B 53 4.42 9.41 30.49
N MET B 54 4.00 8.36 29.81
CA MET B 54 4.59 7.06 30.08
C MET B 54 5.89 6.88 29.30
N SER B 55 6.80 6.18 29.94
CA SER B 55 8.14 5.97 29.45
C SER B 55 8.56 4.55 29.87
N PHE B 56 9.74 4.11 29.46
CA PHE B 56 10.32 2.83 29.90
C PHE B 56 11.83 2.90 30.08
N SER B 57 12.34 2.04 30.96
CA SER B 57 13.79 1.97 31.28
C SER B 57 14.53 1.06 30.29
N LYS B 58 15.85 0.88 30.47
CA LYS B 58 16.64 0.00 29.59
C LYS B 58 16.13 -1.44 29.51
N ASP B 59 15.50 -1.93 30.60
CA ASP B 59 14.91 -3.28 30.61
C ASP B 59 13.52 -3.40 29.95
N TRP B 60 13.13 -2.39 29.16
CA TRP B 60 11.83 -2.34 28.46
C TRP B 60 10.60 -2.34 29.37
N SER B 61 10.81 -2.14 30.67
CA SER B 61 9.72 -2.13 31.64
C SER B 61 9.24 -0.69 31.70
N PHE B 62 7.92 -0.51 31.84
CA PHE B 62 7.31 0.81 31.82
C PHE B 62 7.31 1.43 33.21
N TYR B 63 7.20 2.75 33.24
CA TYR B 63 7.02 3.51 34.47
C TYR B 63 6.22 4.79 34.19
N ILE B 64 5.62 5.33 35.25
CA ILE B 64 4.79 6.53 35.12
C ILE B 64 4.64 7.18 36.50
N LEU B 65 4.76 8.51 36.56
CA LEU B 65 4.68 9.26 37.81
C LEU B 65 3.30 9.91 37.97
N ALA B 66 2.58 9.51 39.01
CA ALA B 66 1.31 10.11 39.36
C ALA B 66 1.53 11.09 40.52
N HIS B 67 0.91 12.27 40.46
CA HIS B 67 0.98 13.21 41.57
C HIS B 67 -0.21 14.17 41.64
N THR B 68 -0.33 14.80 42.80
CA THR B 68 -1.44 15.70 43.13
C THR B 68 -1.08 16.49 44.39
N GLU B 69 -1.77 17.61 44.60
CA GLU B 69 -1.60 18.41 45.82
C GLU B 69 -2.32 17.74 46.98
N PHE B 70 -1.80 17.94 48.17
CA PHE B 70 -2.42 17.45 49.39
C PHE B 70 -1.89 18.21 50.59
N THR B 71 -2.78 18.52 51.52
CA THR B 71 -2.39 18.93 52.86
C THR B 71 -2.52 17.68 53.73
N PRO B 72 -1.40 17.22 54.31
CA PRO B 72 -1.50 16.09 55.23
C PRO B 72 -2.10 16.50 56.60
N THR B 73 -2.75 15.57 57.27
CA THR B 73 -3.30 15.78 58.62
C THR B 73 -3.03 14.55 59.49
N GLU B 74 -3.20 14.69 60.80
CA GLU B 74 -3.18 13.53 61.72
C GLU B 74 -4.27 12.53 61.35
N THR B 75 -5.42 13.04 60.92
CA THR B 75 -6.65 12.25 60.73
C THR B 75 -6.92 11.72 59.31
N ASP B 76 -6.20 12.21 58.29
CA ASP B 76 -6.42 11.80 56.88
C ASP B 76 -5.37 10.82 56.35
N THR B 77 -5.84 9.77 55.67
CA THR B 77 -5.00 8.76 55.02
C THR B 77 -4.94 9.03 53.51
N TYR B 78 -3.81 8.67 52.89
CA TYR B 78 -3.60 8.83 51.46
C TYR B 78 -2.98 7.58 50.84
N ALA B 79 -3.44 7.23 49.64
CA ALA B 79 -3.05 5.97 49.01
C ALA B 79 -3.02 6.01 47.49
N CYS B 80 -2.44 4.96 46.91
CA CYS B 80 -2.31 4.79 45.46
C CYS B 80 -2.80 3.40 45.04
N ARG B 81 -3.96 3.36 44.37
CA ARG B 81 -4.61 2.12 43.92
C ARG B 81 -4.30 1.90 42.44
N VAL B 82 -3.90 0.67 42.10
CA VAL B 82 -3.37 0.32 40.78
C VAL B 82 -4.03 -0.96 40.26
N LYS B 83 -4.84 -0.87 39.22
CA LYS B 83 -5.43 -2.04 38.52
C LYS B 83 -4.55 -2.41 37.30
N HIS B 84 -4.24 -3.69 37.16
CA HIS B 84 -3.36 -4.15 36.07
C HIS B 84 -3.55 -5.65 35.82
N ALA B 85 -3.45 -6.06 34.56
CA ALA B 85 -3.64 -7.45 34.14
C ALA B 85 -2.84 -8.47 34.95
N SER B 86 -1.61 -8.12 35.32
CA SER B 86 -0.73 -9.00 36.10
C SER B 86 -1.25 -9.34 37.48
N MET B 87 -2.12 -8.50 38.04
CA MET B 87 -2.66 -8.70 39.38
C MET B 87 -4.13 -9.08 39.31
N ALA B 88 -4.52 -10.08 40.10
CA ALA B 88 -5.90 -10.55 40.14
C ALA B 88 -6.83 -9.44 40.62
N GLU B 89 -6.44 -8.82 41.74
CA GLU B 89 -7.15 -7.69 42.32
C GLU B 89 -6.23 -6.48 42.44
N PRO B 90 -6.81 -5.27 42.54
CA PRO B 90 -6.03 -4.02 42.64
C PRO B 90 -5.12 -3.92 43.87
N LYS B 91 -3.84 -3.66 43.65
CA LYS B 91 -2.90 -3.40 44.75
C LYS B 91 -3.03 -1.94 45.19
N THR B 92 -3.13 -1.74 46.50
CA THR B 92 -3.28 -0.42 47.11
C THR B 92 -2.16 -0.25 48.13
N VAL B 93 -1.27 0.73 47.94
CA VAL B 93 -0.24 1.05 48.96
C VAL B 93 -0.53 2.40 49.59
N TYR B 94 -0.23 2.50 50.88
CA TYR B 94 -0.60 3.67 51.68
C TYR B 94 0.62 4.52 51.97
N TRP B 95 0.40 5.84 52.03
CA TRP B 95 1.43 6.77 52.43
C TRP B 95 1.64 6.59 53.93
N ASP B 96 2.89 6.43 54.35
CA ASP B 96 3.19 6.13 55.75
C ASP B 96 3.70 7.32 56.57
N ARG B 97 3.86 8.50 55.96
CA ARG B 97 4.34 9.72 56.66
C ARG B 97 5.77 9.53 57.21
N ASP B 98 5.91 8.67 58.23
CA ASP B 98 7.19 8.32 58.84
C ASP B 98 7.91 7.26 57.99
N MET B 99 8.09 7.58 56.70
CA MET B 99 8.38 6.65 55.59
C MET B 99 7.57 7.17 54.39
N THR C 3 -10.57 8.86 -4.40
CA THR C 3 -9.80 8.84 -5.69
C THR C 3 -8.52 9.69 -5.61
N GLN C 4 -7.40 9.01 -5.34
CA GLN C 4 -6.14 9.68 -5.03
C GLN C 4 -5.16 9.77 -6.20
N VAL C 5 -5.57 9.32 -7.39
CA VAL C 5 -4.73 9.35 -8.58
C VAL C 5 -5.60 9.77 -9.76
N GLU C 6 -5.33 10.97 -10.26
CA GLU C 6 -6.13 11.60 -11.32
C GLU C 6 -5.25 11.81 -12.54
N GLN C 7 -5.74 11.39 -13.71
CA GLN C 7 -5.01 11.50 -14.97
C GLN C 7 -5.70 12.46 -15.93
N SER C 8 -4.92 13.02 -16.86
CA SER C 8 -5.38 14.05 -17.79
C SER C 8 -4.52 13.99 -19.08
N PRO C 9 -5.09 14.19 -20.28
CA PRO C 9 -6.53 14.26 -20.51
C PRO C 9 -7.20 12.90 -20.30
N GLN C 10 -8.51 12.91 -20.18
CA GLN C 10 -9.28 11.68 -20.06
C GLN C 10 -9.11 10.88 -21.35
N SER C 11 -9.30 11.54 -22.49
CA SER C 11 -9.00 10.96 -23.79
C SER C 11 -8.39 12.02 -24.70
N LEU C 12 -7.68 11.57 -25.74
CA LEU C 12 -7.10 12.48 -26.73
C LEU C 12 -6.80 11.75 -28.04
N VAL C 13 -6.93 12.48 -29.15
CA VAL C 13 -6.70 11.94 -30.50
C VAL C 13 -5.56 12.70 -31.16
N VAL C 14 -4.58 12.00 -31.73
CA VAL C 14 -3.48 12.66 -32.45
C VAL C 14 -3.18 11.96 -33.76
N ARG C 15 -2.54 12.69 -34.67
CA ARG C 15 -2.10 12.13 -35.94
C ARG C 15 -0.70 11.53 -35.79
N GLN C 16 -0.47 10.39 -36.45
CA GLN C 16 0.83 9.74 -36.49
C GLN C 16 1.97 10.72 -36.64
N GLY C 17 3.04 10.53 -35.85
CA GLY C 17 4.22 11.38 -35.93
C GLY C 17 4.25 12.51 -34.92
N GLU C 18 3.08 12.92 -34.44
CA GLU C 18 2.96 13.99 -33.45
C GLU C 18 3.31 13.44 -32.08
N ASN C 19 3.81 14.32 -31.22
CA ASN C 19 4.09 13.98 -29.82
C ASN C 19 2.87 14.19 -28.94
N CYS C 20 2.87 13.55 -27.79
CA CYS C 20 1.89 13.87 -26.76
C CYS C 20 2.48 13.74 -25.36
N VAL C 21 1.78 14.37 -24.43
CA VAL C 21 2.14 14.41 -23.02
C VAL C 21 0.92 13.92 -22.25
N LEU C 22 1.13 12.99 -21.33
CA LEU C 22 0.08 12.47 -20.47
C LEU C 22 0.39 12.90 -19.05
N GLN C 23 -0.63 13.35 -18.32
CA GLN C 23 -0.46 13.90 -16.97
C GLN C 23 -0.92 12.87 -15.94
N CYS C 24 -0.21 12.80 -14.82
CA CYS C 24 -0.68 12.10 -13.62
C CYS C 24 -0.45 12.95 -12.40
N ASN C 25 -1.53 13.29 -11.70
CA ASN C 25 -1.45 13.97 -10.42
C ASN C 25 -2.09 13.10 -9.37
N TYR C 26 -1.51 13.11 -8.17
CA TYR C 26 -1.91 12.19 -7.13
C TYR C 26 -1.80 12.82 -5.75
N SER C 27 -2.62 12.35 -4.82
CA SER C 27 -2.55 12.74 -3.42
C SER C 27 -2.02 11.63 -2.47
N VAL C 28 -1.65 10.47 -3.02
CA VAL C 28 -1.26 9.29 -2.24
C VAL C 28 -0.10 9.64 -1.30
N THR C 29 -0.14 9.13 -0.05
CA THR C 29 0.96 9.31 0.93
C THR C 29 1.34 8.00 1.65
N PRO C 30 2.61 7.60 1.66
CA PRO C 30 3.69 8.23 0.90
C PRO C 30 3.67 7.78 -0.55
N ASP C 31 4.62 8.28 -1.32
CA ASP C 31 4.74 8.00 -2.74
C ASP C 31 6.14 7.41 -3.01
N ASN C 32 6.28 6.10 -2.78
CA ASN C 32 7.57 5.42 -2.97
C ASN C 32 8.00 5.45 -4.43
N HIS C 33 7.07 5.07 -5.31
CA HIS C 33 7.35 4.97 -6.74
C HIS C 33 6.07 5.19 -7.55
N LEU C 34 6.25 5.68 -8.77
CA LEU C 34 5.15 5.81 -9.75
C LEU C 34 5.50 5.02 -11.02
N ARG C 35 4.56 4.18 -11.47
CA ARG C 35 4.74 3.35 -12.66
C ARG C 35 3.73 3.73 -13.73
N TRP C 36 4.18 3.75 -14.98
CA TRP C 36 3.29 3.97 -16.13
C TRP C 36 3.08 2.66 -16.87
N PHE C 37 1.82 2.23 -17.02
CA PHE C 37 1.45 1.03 -17.78
C PHE C 37 0.89 1.41 -19.14
N LYS C 38 1.03 0.52 -20.13
CA LYS C 38 0.35 0.63 -21.44
C LYS C 38 -0.64 -0.51 -21.50
N GLN C 39 -1.87 -0.25 -21.90
CA GLN C 39 -2.89 -1.31 -22.04
C GLN C 39 -3.64 -1.18 -23.37
N ASP C 40 -3.34 -2.10 -24.29
CA ASP C 40 -4.07 -2.26 -25.55
C ASP C 40 -5.49 -2.69 -25.24
N THR C 41 -6.43 -2.35 -26.12
CA THR C 41 -7.83 -2.73 -25.89
C THR C 41 -7.96 -4.25 -25.91
N GLY C 42 -8.67 -4.79 -24.92
CA GLY C 42 -8.79 -6.22 -24.73
C GLY C 42 -7.74 -6.86 -23.84
N LYS C 43 -6.51 -6.36 -23.91
CA LYS C 43 -5.34 -7.07 -23.44
C LYS C 43 -5.02 -6.64 -21.99
N GLY C 44 -3.75 -6.70 -21.58
CA GLY C 44 -3.32 -6.42 -20.20
C GLY C 44 -2.14 -5.48 -20.11
N LEU C 45 -1.51 -5.46 -18.95
CA LEU C 45 -0.68 -4.33 -18.52
C LEU C 45 0.81 -4.49 -18.82
N VAL C 46 1.28 -3.81 -19.86
CA VAL C 46 2.71 -3.70 -20.16
C VAL C 46 3.35 -2.50 -19.42
N SER C 47 4.26 -2.77 -18.49
CA SER C 47 5.00 -1.69 -17.83
C SER C 47 5.90 -0.95 -18.83
N LEU C 48 5.82 0.38 -18.83
CA LEU C 48 6.69 1.23 -19.66
C LEU C 48 7.88 1.77 -18.88
N THR C 49 7.66 2.17 -17.63
CA THR C 49 8.74 2.71 -16.82
C THR C 49 8.28 2.85 -15.39
N VAL C 50 9.25 3.00 -14.50
CA VAL C 50 9.00 3.23 -13.10
C VAL C 50 9.98 4.29 -12.59
N LEU C 51 9.42 5.36 -12.00
CA LEU C 51 10.17 6.47 -11.46
C LEU C 51 10.14 6.38 -9.95
N VAL C 52 11.29 6.58 -9.31
CA VAL C 52 11.46 6.31 -7.86
C VAL C 52 12.00 7.46 -7.01
N ASP C 53 12.82 8.33 -7.61
CA ASP C 53 13.45 9.44 -6.89
C ASP C 53 12.55 10.66 -6.73
N GLN C 54 12.98 11.56 -5.84
CA GLN C 54 12.28 12.81 -5.49
C GLN C 54 12.00 13.68 -6.73
N LYS C 55 13.04 13.82 -7.56
CA LYS C 55 12.93 14.40 -8.88
C LYS C 55 13.57 13.36 -9.80
N ASP C 56 12.74 12.59 -10.52
CA ASP C 56 13.23 11.51 -11.38
C ASP C 56 12.86 11.73 -12.83
N LYS C 57 13.68 11.16 -13.72
CA LYS C 57 13.52 11.26 -15.17
C LYS C 57 13.87 9.90 -15.78
N THR C 58 12.96 9.31 -16.56
CA THR C 58 13.23 8.00 -17.18
C THR C 58 13.00 8.05 -18.68
N SER C 59 13.63 7.12 -19.40
CA SER C 59 13.40 6.93 -20.83
C SER C 59 13.27 5.45 -21.20
N ASN C 60 12.54 5.20 -22.28
CA ASN C 60 12.42 3.88 -22.86
C ASN C 60 12.00 4.07 -24.31
N GLY C 61 13.00 4.24 -25.17
CA GLY C 61 12.80 4.51 -26.59
C GLY C 61 12.08 5.83 -26.83
N ARG C 62 10.91 5.75 -27.44
CA ARG C 62 10.09 6.93 -27.72
C ARG C 62 9.32 7.45 -26.47
N TYR C 63 9.16 6.59 -25.46
CA TYR C 63 8.58 7.00 -24.18
C TYR C 63 9.66 7.59 -23.28
N SER C 64 9.39 8.76 -22.73
CA SER C 64 10.16 9.32 -21.62
C SER C 64 9.17 9.83 -20.57
N ALA C 65 9.66 10.09 -19.35
CA ALA C 65 8.76 10.52 -18.28
C ALA C 65 9.47 11.25 -17.15
N THR C 66 8.68 11.97 -16.36
CA THR C 66 9.14 12.72 -15.19
C THR C 66 8.34 12.40 -13.92
N LEU C 67 8.93 12.74 -12.78
CA LEU C 67 8.26 12.65 -11.50
C LEU C 67 8.83 13.74 -10.62
N ASP C 68 7.94 14.54 -10.05
CA ASP C 68 8.29 15.49 -9.01
C ASP C 68 7.41 15.13 -7.82
N LYS C 69 8.03 14.70 -6.71
CA LYS C 69 7.30 14.26 -5.51
C LYS C 69 6.82 15.39 -4.59
N ASP C 70 7.51 16.53 -4.59
CA ASP C 70 6.99 17.71 -3.88
C ASP C 70 5.65 18.08 -4.49
N ALA C 71 5.64 18.22 -5.82
CA ALA C 71 4.42 18.49 -6.60
C ALA C 71 3.39 17.36 -6.58
N LYS C 72 3.83 16.12 -6.39
CA LYS C 72 3.00 14.93 -6.57
C LYS C 72 2.43 14.91 -7.97
N HIS C 73 3.36 14.97 -8.92
CA HIS C 73 3.07 15.20 -10.32
C HIS C 73 4.05 14.40 -11.21
N SER C 74 3.50 13.69 -12.20
CA SER C 74 4.28 12.95 -13.19
C SER C 74 3.70 13.17 -14.58
N THR C 75 4.58 13.17 -15.58
CA THR C 75 4.16 13.22 -16.99
C THR C 75 4.87 12.16 -17.82
N LEU C 76 4.14 11.59 -18.79
CA LEU C 76 4.68 10.63 -19.76
C LEU C 76 4.67 11.27 -21.16
N HIS C 77 5.85 11.47 -21.75
CA HIS C 77 5.98 12.06 -23.07
C HIS C 77 6.23 10.94 -24.08
N ILE C 78 5.38 10.85 -25.10
CA ILE C 78 5.52 9.91 -26.21
C ILE C 78 5.97 10.65 -27.47
N THR C 79 7.21 10.43 -27.91
CA THR C 79 7.71 11.07 -29.15
C THR C 79 7.30 10.29 -30.40
N ALA C 80 6.95 11.00 -31.47
CA ALA C 80 6.68 10.38 -32.77
C ALA C 80 5.70 9.20 -32.72
N THR C 81 4.44 9.49 -32.40
CA THR C 81 3.43 8.46 -32.19
C THR C 81 3.27 7.53 -33.40
N LEU C 82 3.26 6.22 -33.13
CA LEU C 82 2.96 5.19 -34.12
C LEU C 82 1.57 4.65 -33.84
N LEU C 83 0.97 4.02 -34.83
CA LEU C 83 -0.41 3.52 -34.75
C LEU C 83 -0.62 2.60 -33.53
N ASP C 84 0.34 1.71 -33.27
CA ASP C 84 0.33 0.78 -32.11
C ASP C 84 0.22 1.45 -30.73
N ASP C 85 0.62 2.73 -30.62
CA ASP C 85 0.41 3.52 -29.39
C ASP C 85 -1.04 3.75 -29.02
N THR C 86 -1.96 3.56 -29.96
CA THR C 86 -3.38 3.51 -29.63
C THR C 86 -3.60 2.50 -28.51
N ALA C 87 -4.08 2.99 -27.38
CA ALA C 87 -4.07 2.25 -26.12
C ALA C 87 -4.54 3.15 -24.99
N THR C 88 -4.76 2.54 -23.83
CA THR C 88 -5.05 3.24 -22.60
C THR C 88 -3.75 3.24 -21.78
N TYR C 89 -3.36 4.40 -21.24
CA TYR C 89 -2.11 4.57 -20.51
C TYR C 89 -2.46 4.82 -19.06
N ILE C 90 -1.95 3.97 -18.16
CA ILE C 90 -2.39 3.93 -16.76
C ILE C 90 -1.26 4.30 -15.80
N CYS C 91 -1.61 5.10 -14.80
CA CYS C 91 -0.68 5.61 -13.81
C CYS C 91 -0.90 4.88 -12.49
N VAL C 92 0.18 4.40 -11.88
CA VAL C 92 0.09 3.68 -10.59
C VAL C 92 1.11 4.21 -9.59
N VAL C 93 0.64 4.50 -8.38
CA VAL C 93 1.50 4.95 -7.28
C VAL C 93 1.54 3.88 -6.17
N GLY C 94 2.73 3.39 -5.85
CA GLY C 94 2.93 2.44 -4.75
C GLY C 94 3.38 3.20 -3.53
N ASP C 95 2.77 2.91 -2.37
CA ASP C 95 3.05 3.65 -1.11
C ASP C 95 4.13 3.05 -0.21
N ARG C 96 4.64 1.87 -0.56
CA ARG C 96 5.85 1.35 0.06
C ARG C 96 6.82 0.86 -1.00
N GLY C 97 8.10 0.81 -0.61
CA GLY C 97 9.15 0.12 -1.35
C GLY C 97 9.32 -1.35 -0.99
N SER C 98 8.28 -1.95 -0.39
CA SER C 98 8.22 -3.38 -0.08
C SER C 98 6.82 -3.92 -0.43
N ALA C 99 6.62 -5.22 -0.22
CA ALA C 99 5.34 -5.88 -0.53
C ALA C 99 4.22 -5.54 0.44
N LEU C 100 4.56 -4.79 1.48
CA LEU C 100 3.59 -4.19 2.38
C LEU C 100 2.79 -3.06 1.73
N GLY C 101 3.25 -2.56 0.58
CA GLY C 101 2.60 -1.48 -0.12
C GLY C 101 1.29 -1.82 -0.80
N ARG C 102 0.52 -0.77 -1.07
CA ARG C 102 -0.69 -0.84 -1.84
C ARG C 102 -0.49 0.00 -3.10
N LEU C 103 -0.96 -0.53 -4.22
CA LEU C 103 -0.93 0.18 -5.50
C LEU C 103 -2.22 0.97 -5.66
N HIS C 104 -2.09 2.24 -6.03
CA HIS C 104 -3.23 3.13 -6.25
C HIS C 104 -3.29 3.45 -7.73
N PHE C 105 -4.36 3.01 -8.39
CA PHE C 105 -4.46 3.06 -9.85
C PHE C 105 -5.26 4.25 -10.32
N GLY C 106 -4.74 4.95 -11.31
CA GLY C 106 -5.53 5.92 -12.07
C GLY C 106 -6.45 5.20 -13.03
N ALA C 107 -7.51 5.88 -13.48
CA ALA C 107 -8.49 5.33 -14.44
C ALA C 107 -8.02 5.40 -15.89
N GLY C 108 -6.84 5.95 -16.12
CA GLY C 108 -6.20 5.88 -17.42
C GLY C 108 -6.52 7.05 -18.31
N THR C 109 -5.66 7.22 -19.31
CA THR C 109 -5.80 8.21 -20.36
C THR C 109 -5.83 7.42 -21.67
N GLN C 110 -6.92 7.53 -22.42
CA GLN C 110 -7.08 6.82 -23.68
C GLN C 110 -6.47 7.59 -24.84
N LEU C 111 -5.52 6.99 -25.54
CA LEU C 111 -4.91 7.59 -26.73
C LEU C 111 -5.42 6.90 -27.99
N ILE C 112 -5.75 7.68 -29.00
CA ILE C 112 -5.99 7.18 -30.36
C ILE C 112 -5.02 7.92 -31.28
N VAL C 113 -4.31 7.16 -32.12
CA VAL C 113 -3.39 7.71 -33.11
C VAL C 113 -3.99 7.46 -34.50
N ILE C 114 -4.16 8.52 -35.27
CA ILE C 114 -4.75 8.42 -36.60
C ILE C 114 -3.61 8.13 -37.58
N PRO C 115 -3.74 7.03 -38.35
CA PRO C 115 -2.62 6.56 -39.14
C PRO C 115 -2.42 7.34 -40.45
N ASP C 116 -1.16 7.59 -40.78
CA ASP C 116 -0.78 8.31 -42.00
C ASP C 116 -0.94 7.35 -43.19
N ILE C 117 -1.76 7.76 -44.16
CA ILE C 117 -2.03 6.97 -45.36
C ILE C 117 -1.43 7.74 -46.55
N GLN C 118 -0.20 7.38 -46.91
CA GLN C 118 0.53 8.09 -47.96
C GLN C 118 -0.17 8.02 -49.32
N ASN C 119 -0.57 6.81 -49.74
CA ASN C 119 -0.94 6.54 -51.14
C ASN C 119 -2.36 5.96 -51.30
N PRO C 120 -3.39 6.76 -50.95
CA PRO C 120 -4.78 6.27 -51.02
C PRO C 120 -5.23 5.87 -52.44
N ASP C 121 -6.15 4.91 -52.52
CA ASP C 121 -6.57 4.32 -53.79
C ASP C 121 -8.02 3.81 -53.63
N PRO C 122 -8.92 4.68 -53.12
CA PRO C 122 -10.28 4.27 -52.69
C PRO C 122 -11.07 3.44 -53.69
N ALA C 123 -11.69 2.37 -53.19
CA ALA C 123 -12.40 1.40 -54.03
C ALA C 123 -13.43 0.60 -53.21
N VAL C 124 -14.45 0.06 -53.90
CA VAL C 124 -15.46 -0.80 -53.27
C VAL C 124 -15.56 -2.10 -54.05
N TYR C 125 -14.98 -3.16 -53.49
CA TYR C 125 -14.91 -4.47 -54.10
C TYR C 125 -15.95 -5.41 -53.51
N GLN C 126 -16.39 -6.37 -54.33
CA GLN C 126 -17.30 -7.43 -53.91
C GLN C 126 -16.52 -8.73 -53.69
N LEU C 127 -16.83 -9.42 -52.59
CA LEU C 127 -16.14 -10.67 -52.21
C LEU C 127 -17.21 -11.74 -51.98
N ARG C 128 -16.97 -12.95 -52.51
CA ARG C 128 -17.94 -14.05 -52.41
C ARG C 128 -17.52 -15.12 -51.39
N ASP C 129 -18.52 -15.81 -50.82
CA ASP C 129 -18.29 -16.86 -49.82
C ASP C 129 -17.72 -18.11 -50.49
N SER C 130 -16.67 -18.67 -49.89
CA SER C 130 -15.98 -19.86 -50.41
C SER C 130 -16.83 -21.16 -50.43
N LYS C 131 -17.86 -21.23 -49.58
CA LYS C 131 -18.83 -22.34 -49.58
C LYS C 131 -20.09 -22.09 -50.42
N SER C 132 -20.39 -20.82 -50.72
CA SER C 132 -21.64 -20.49 -51.40
C SER C 132 -21.50 -19.20 -52.22
N SER C 133 -21.36 -19.35 -53.54
CA SER C 133 -21.14 -18.23 -54.47
C SER C 133 -22.26 -17.17 -54.52
N ASP C 134 -23.43 -17.49 -53.96
CA ASP C 134 -24.57 -16.54 -53.90
C ASP C 134 -24.54 -15.55 -52.72
N LYS C 135 -23.83 -15.90 -51.63
CA LYS C 135 -23.63 -14.97 -50.50
C LYS C 135 -22.38 -14.12 -50.75
N SER C 136 -22.44 -12.83 -50.37
CA SER C 136 -21.36 -11.87 -50.63
C SER C 136 -21.28 -10.69 -49.66
N VAL C 137 -20.14 -10.01 -49.67
CA VAL C 137 -19.93 -8.78 -48.91
C VAL C 137 -19.32 -7.69 -49.79
N CYS C 138 -19.38 -6.45 -49.31
CA CYS C 138 -18.83 -5.31 -50.03
C CYS C 138 -17.74 -4.68 -49.19
N LEU C 139 -16.51 -4.68 -49.71
CA LEU C 139 -15.36 -4.15 -49.00
C LEU C 139 -14.97 -2.79 -49.55
N PHE C 140 -15.38 -1.74 -48.83
CA PHE C 140 -14.89 -0.39 -49.07
C PHE C 140 -13.51 -0.28 -48.44
N THR C 141 -12.48 0.08 -49.22
CA THR C 141 -11.09 0.03 -48.75
C THR C 141 -10.18 1.02 -49.45
N ASP C 142 -8.96 1.15 -48.93
CA ASP C 142 -7.90 2.02 -49.47
C ASP C 142 -8.16 3.55 -49.40
N PHE C 143 -9.14 3.97 -48.59
CA PHE C 143 -9.39 5.41 -48.39
C PHE C 143 -8.48 5.94 -47.30
N ASP C 144 -8.41 7.27 -47.19
CA ASP C 144 -7.54 7.93 -46.21
C ASP C 144 -8.32 8.33 -44.97
N SER C 145 -7.60 8.83 -43.97
CA SER C 145 -8.17 9.12 -42.65
C SER C 145 -9.20 10.26 -42.59
N GLN C 146 -9.26 11.09 -43.64
CA GLN C 146 -10.24 12.17 -43.74
C GLN C 146 -11.68 11.72 -44.09
N THR C 147 -11.87 10.45 -44.45
CA THR C 147 -13.20 9.90 -44.76
C THR C 147 -13.87 9.29 -43.51
N ASN C 148 -15.19 9.44 -43.42
CA ASN C 148 -16.01 8.80 -42.36
C ASN C 148 -16.98 7.82 -43.00
N VAL C 149 -17.24 6.72 -42.29
CA VAL C 149 -18.20 5.70 -42.73
C VAL C 149 -19.38 5.70 -41.76
N SER C 150 -20.59 5.64 -42.31
CA SER C 150 -21.81 5.77 -41.51
C SER C 150 -22.63 4.48 -41.50
N GLN C 151 -23.32 4.21 -40.40
CA GLN C 151 -24.28 3.10 -40.32
C GLN C 151 -25.35 3.30 -41.37
N SER C 152 -25.89 2.21 -41.90
CA SER C 152 -26.79 2.29 -43.05
C SER C 152 -28.15 2.88 -42.68
N LYS C 153 -28.82 3.43 -43.70
CA LYS C 153 -30.21 3.88 -43.56
C LYS C 153 -31.12 2.66 -43.34
N ASP C 154 -31.04 1.70 -44.26
CA ASP C 154 -31.75 0.42 -44.13
C ASP C 154 -31.11 -0.38 -42.97
N SER C 155 -31.91 -0.76 -41.98
CA SER C 155 -31.41 -1.53 -40.82
C SER C 155 -31.18 -3.02 -41.13
N ASP C 156 -31.72 -3.49 -42.26
CA ASP C 156 -31.42 -4.84 -42.79
C ASP C 156 -30.07 -4.92 -43.52
N VAL C 157 -29.52 -3.77 -43.92
CA VAL C 157 -28.11 -3.67 -44.33
C VAL C 157 -27.23 -3.42 -43.10
N TYR C 158 -26.05 -4.04 -43.10
CA TYR C 158 -25.08 -3.91 -42.01
C TYR C 158 -23.82 -3.29 -42.56
N ILE C 159 -23.22 -2.38 -41.81
CA ILE C 159 -21.95 -1.76 -42.17
C ILE C 159 -21.13 -1.56 -40.92
N THR C 160 -19.86 -1.93 -40.99
CA THR C 160 -18.95 -1.84 -39.84
C THR C 160 -18.23 -0.51 -39.92
N ASP C 161 -17.75 -0.04 -38.77
CA ASP C 161 -16.94 1.18 -38.74
C ASP C 161 -15.57 0.93 -39.39
N LYS C 162 -14.95 2.02 -39.85
CA LYS C 162 -13.57 2.02 -40.37
C LYS C 162 -12.61 1.27 -39.46
N CYS C 163 -11.57 0.68 -40.05
CA CYS C 163 -10.58 -0.05 -39.31
C CYS C 163 -9.29 -0.15 -40.13
N VAL C 164 -8.17 0.15 -39.50
CA VAL C 164 -6.87 0.18 -40.17
C VAL C 164 -6.14 -1.14 -39.97
N LEU C 165 -5.62 -1.69 -41.07
CA LEU C 165 -4.75 -2.87 -41.03
C LEU C 165 -3.33 -2.46 -41.43
N ASP C 166 -2.37 -3.28 -41.05
CA ASP C 166 -0.96 -2.94 -41.19
C ASP C 166 -0.16 -4.16 -41.69
N MET C 167 0.14 -4.16 -42.98
CA MET C 167 0.96 -5.19 -43.60
C MET C 167 2.41 -4.81 -43.27
N ARG C 168 2.98 -5.51 -42.31
CA ARG C 168 4.25 -5.11 -41.68
C ARG C 168 5.43 -5.26 -42.63
N SER C 169 5.51 -6.43 -43.26
CA SER C 169 6.50 -6.73 -44.30
C SER C 169 6.68 -5.62 -45.35
N MET C 170 5.59 -4.96 -45.75
CA MET C 170 5.61 -3.91 -46.78
C MET C 170 5.49 -2.45 -46.28
N ASP C 171 5.52 -2.21 -44.97
CA ASP C 171 5.37 -0.86 -44.40
C ASP C 171 4.09 -0.15 -44.92
N PHE C 172 3.05 -0.94 -45.20
CA PHE C 172 1.84 -0.47 -45.89
C PHE C 172 0.65 -0.56 -44.94
N LYS C 173 -0.11 0.52 -44.83
CA LYS C 173 -1.31 0.57 -43.99
C LYS C 173 -2.51 0.90 -44.86
N SER C 174 -3.69 0.42 -44.46
CA SER C 174 -4.93 0.65 -45.22
C SER C 174 -6.16 0.61 -44.33
N ASN C 175 -6.97 1.66 -44.40
CA ASN C 175 -8.29 1.65 -43.80
C ASN C 175 -9.21 0.77 -44.67
N SER C 176 -10.28 0.28 -44.04
CA SER C 176 -11.21 -0.62 -44.72
C SER C 176 -12.50 -0.71 -43.92
N ALA C 177 -13.60 -1.02 -44.60
CA ALA C 177 -14.88 -1.33 -43.95
C ALA C 177 -15.75 -2.22 -44.82
N VAL C 178 -16.64 -2.95 -44.15
CA VAL C 178 -17.37 -4.04 -44.78
C VAL C 178 -18.85 -3.70 -44.74
N ALA C 179 -19.61 -4.26 -45.67
CA ALA C 179 -21.05 -4.15 -45.66
C ALA C 179 -21.67 -5.31 -46.38
N TRP C 180 -22.83 -5.75 -45.87
CA TRP C 180 -23.54 -6.94 -46.39
C TRP C 180 -25.02 -6.87 -46.03
N SER C 181 -25.82 -7.72 -46.67
CA SER C 181 -27.27 -7.78 -46.41
C SER C 181 -27.93 -9.00 -47.08
N ASN C 182 -29.00 -9.52 -46.48
CA ASN C 182 -29.82 -10.57 -47.09
C ASN C 182 -30.62 -9.99 -48.26
N LYS C 183 -31.40 -8.93 -47.99
CA LYS C 183 -32.16 -8.22 -49.02
C LYS C 183 -31.25 -7.26 -49.79
N PHE C 186 -30.01 -5.13 -52.79
CA PHE C 186 -28.67 -4.79 -52.29
C PHE C 186 -27.58 -5.10 -53.33
N ALA C 187 -26.63 -4.18 -53.48
CA ALA C 187 -25.42 -4.39 -54.29
C ALA C 187 -24.35 -3.36 -53.90
N CYS C 188 -23.09 -3.66 -54.23
CA CYS C 188 -21.94 -2.89 -53.73
C CYS C 188 -21.87 -1.44 -54.25
N ALA C 189 -22.45 -1.19 -55.43
CA ALA C 189 -22.62 0.17 -55.95
C ALA C 189 -23.47 1.08 -55.04
N ASN C 190 -24.50 0.49 -54.42
CA ASN C 190 -25.42 1.19 -53.51
C ASN C 190 -25.06 1.05 -52.01
N ALA C 191 -24.07 0.21 -51.69
CA ALA C 191 -23.79 -0.16 -50.30
C ALA C 191 -23.43 1.04 -49.42
N PHE C 192 -22.51 1.87 -49.91
CA PHE C 192 -22.01 3.03 -49.17
C PHE C 192 -22.55 4.38 -49.70
N ASN C 193 -23.78 4.37 -50.23
CA ASN C 193 -24.49 5.59 -50.63
C ASN C 193 -24.48 6.61 -49.50
N ASN C 194 -24.84 6.14 -48.30
CA ASN C 194 -25.05 7.00 -47.14
C ASN C 194 -23.77 7.56 -46.45
N SER C 195 -22.59 7.28 -47.00
CA SER C 195 -21.34 7.93 -46.57
C SER C 195 -20.90 8.94 -47.61
N ILE C 196 -20.27 10.02 -47.16
CA ILE C 196 -19.58 10.95 -48.06
C ILE C 196 -18.25 10.28 -48.47
N ILE C 197 -18.27 9.55 -49.59
CA ILE C 197 -17.09 8.86 -50.12
C ILE C 197 -16.44 9.69 -51.25
N PRO C 198 -15.09 9.69 -51.35
CA PRO C 198 -14.34 10.39 -52.42
C PRO C 198 -14.89 10.33 -53.85
N GLU C 199 -14.66 11.40 -54.60
CA GLU C 199 -15.11 11.50 -56.00
C GLU C 199 -14.49 10.39 -56.87
N ASP C 200 -13.21 10.08 -56.64
CA ASP C 200 -12.47 9.10 -57.47
C ASP C 200 -12.50 7.64 -56.97
N THR C 201 -13.60 7.22 -56.31
CA THR C 201 -13.74 5.85 -55.81
C THR C 201 -13.93 4.86 -56.96
N PHE C 202 -13.12 3.80 -56.98
CA PHE C 202 -13.15 2.77 -58.03
C PHE C 202 -14.25 1.73 -57.74
N PHE C 203 -15.29 1.76 -58.56
CA PHE C 203 -16.36 0.75 -58.57
C PHE C 203 -16.19 -0.15 -59.81
N PRO C 204 -15.58 -1.34 -59.66
CA PRO C 204 -15.29 -2.19 -60.83
C PRO C 204 -16.50 -2.89 -61.43
N SER C 205 -16.28 -3.56 -62.57
CA SER C 205 -17.26 -4.42 -63.24
C SER C 205 -18.41 -3.62 -63.87
N ALA D 3 9.40 -13.49 -14.69
CA ALA D 3 8.37 -13.78 -13.63
C ALA D 3 6.92 -13.76 -14.19
N ALA D 4 6.45 -14.92 -14.68
CA ALA D 4 5.16 -15.07 -15.38
C ALA D 4 4.01 -15.53 -14.46
N VAL D 5 2.79 -15.10 -14.81
CA VAL D 5 1.57 -15.44 -14.07
C VAL D 5 0.46 -15.78 -15.06
N THR D 6 -0.21 -16.91 -14.87
CA THR D 6 -1.31 -17.34 -15.75
C THR D 6 -2.64 -17.23 -15.04
N GLN D 7 -3.71 -17.04 -15.83
CA GLN D 7 -5.08 -17.03 -15.33
C GLN D 7 -5.95 -17.95 -16.15
N SER D 8 -6.90 -18.59 -15.50
CA SER D 8 -7.90 -19.39 -16.19
C SER D 8 -9.23 -19.37 -15.43
N PRO D 9 -10.36 -19.33 -16.14
CA PRO D 9 -10.41 -19.19 -17.59
C PRO D 9 -10.01 -17.78 -18.02
N ARG D 10 -9.68 -17.62 -19.30
CA ARG D 10 -9.42 -16.30 -19.85
C ARG D 10 -10.72 -15.52 -20.08
N ASN D 11 -11.83 -16.24 -20.21
CA ASN D 11 -13.12 -15.65 -20.50
C ASN D 11 -14.24 -16.58 -20.01
N LYS D 12 -15.33 -16.01 -19.52
CA LYS D 12 -16.43 -16.77 -18.91
C LYS D 12 -17.76 -16.04 -19.01
N VAL D 13 -18.79 -16.74 -19.49
CA VAL D 13 -20.17 -16.30 -19.39
C VAL D 13 -20.85 -17.15 -18.32
N ALA D 14 -21.49 -16.50 -17.35
CA ALA D 14 -22.16 -17.15 -16.21
C ALA D 14 -23.55 -16.58 -16.01
N VAL D 15 -24.39 -17.35 -15.31
CA VAL D 15 -25.73 -16.91 -14.91
C VAL D 15 -25.73 -16.38 -13.47
N THR D 16 -26.64 -15.44 -13.19
CA THR D 16 -26.87 -14.92 -11.83
C THR D 16 -27.21 -16.07 -10.89
N GLY D 17 -26.51 -16.15 -9.77
CA GLY D 17 -26.73 -17.21 -8.78
C GLY D 17 -25.81 -18.42 -8.92
N GLY D 18 -25.16 -18.56 -10.07
CA GLY D 18 -24.18 -19.61 -10.28
C GLY D 18 -22.89 -19.37 -9.50
N LYS D 19 -22.11 -20.43 -9.34
CA LYS D 19 -20.79 -20.35 -8.76
C LYS D 19 -19.77 -20.16 -9.88
N VAL D 20 -18.93 -19.14 -9.74
CA VAL D 20 -17.82 -18.92 -10.65
C VAL D 20 -16.52 -18.92 -9.85
N THR D 21 -15.51 -19.57 -10.40
CA THR D 21 -14.19 -19.63 -9.79
C THR D 21 -13.18 -19.15 -10.81
N LEU D 22 -12.41 -18.12 -10.44
CA LEU D 22 -11.37 -17.57 -11.30
C LEU D 22 -10.05 -17.96 -10.69
N SER D 23 -9.23 -18.69 -11.44
CA SER D 23 -8.00 -19.27 -10.92
C SER D 23 -6.77 -18.55 -11.45
N CYS D 24 -5.76 -18.41 -10.58
CA CYS D 24 -4.50 -17.78 -10.93
C CYS D 24 -3.32 -18.62 -10.46
N ASN D 25 -2.45 -19.00 -11.40
CA ASN D 25 -1.29 -19.87 -11.13
C ASN D 25 0.04 -19.12 -11.35
N GLN D 26 1.06 -19.51 -10.58
CA GLN D 26 2.33 -18.78 -10.51
C GLN D 26 3.49 -19.72 -10.06
N THR D 27 4.47 -19.96 -10.95
CA THR D 27 5.62 -20.86 -10.65
C THR D 27 6.89 -20.08 -10.26
N ASN D 28 6.71 -18.89 -9.70
CA ASN D 28 7.83 -18.02 -9.29
C ASN D 28 8.26 -18.27 -7.84
N ASN D 29 7.49 -19.08 -7.12
CA ASN D 29 7.64 -19.24 -5.68
C ASN D 29 7.52 -17.89 -4.96
N HIS D 30 6.59 -17.07 -5.44
CA HIS D 30 6.22 -15.82 -4.79
C HIS D 30 5.26 -16.13 -3.64
N ASN D 31 5.60 -15.60 -2.47
CA ASN D 31 4.75 -15.73 -1.30
C ASN D 31 3.39 -15.07 -1.48
N ASN D 32 3.36 -13.94 -2.18
CA ASN D 32 2.24 -13.02 -2.15
C ASN D 32 1.53 -12.94 -3.49
N MET D 33 0.19 -12.94 -3.43
CA MET D 33 -0.64 -12.86 -4.63
C MET D 33 -1.84 -11.96 -4.35
N TYR D 34 -2.37 -11.33 -5.40
CA TYR D 34 -3.36 -10.27 -5.28
C TYR D 34 -4.39 -10.41 -6.38
N TRP D 35 -5.65 -10.10 -6.07
CA TRP D 35 -6.73 -10.10 -7.08
C TRP D 35 -7.36 -8.71 -7.19
N TYR D 36 -7.32 -8.15 -8.40
CA TYR D 36 -8.01 -6.91 -8.72
C TYR D 36 -9.18 -7.13 -9.72
N ARG D 37 -10.05 -6.14 -9.83
CA ARG D 37 -11.01 -6.04 -10.97
C ARG D 37 -10.91 -4.67 -11.66
N GLN D 38 -10.95 -4.67 -13.00
CA GLN D 38 -10.93 -3.45 -13.82
C GLN D 38 -12.34 -3.14 -14.35
N ASP D 39 -12.76 -1.87 -14.20
CA ASP D 39 -14.10 -1.39 -14.61
C ASP D 39 -13.96 0.02 -15.12
N THR D 40 -14.60 0.31 -16.26
CA THR D 40 -14.47 1.63 -16.91
C THR D 40 -14.84 2.77 -15.96
N GLY D 41 -14.04 3.84 -15.99
CA GLY D 41 -14.17 4.98 -15.08
C GLY D 41 -13.53 4.81 -13.72
N HIS D 42 -12.85 3.69 -13.49
CA HIS D 42 -12.06 3.47 -12.28
C HIS D 42 -10.73 2.84 -12.67
N GLY D 43 -9.74 2.98 -11.80
CA GLY D 43 -8.50 2.22 -11.91
C GLY D 43 -8.74 0.83 -11.35
N LEU D 44 -7.77 -0.07 -11.52
CA LEU D 44 -7.83 -1.38 -10.85
C LEU D 44 -8.05 -1.23 -9.34
N ARG D 45 -8.94 -2.05 -8.78
CA ARG D 45 -9.24 -2.05 -7.34
C ARG D 45 -9.05 -3.44 -6.72
N LEU D 46 -8.37 -3.47 -5.58
CA LEU D 46 -8.03 -4.72 -4.89
C LEU D 46 -9.24 -5.38 -4.21
N ILE D 47 -9.49 -6.65 -4.52
CA ILE D 47 -10.58 -7.42 -3.89
C ILE D 47 -10.05 -8.20 -2.68
N HIS D 48 -9.15 -9.15 -2.94
CA HIS D 48 -8.49 -9.93 -1.89
C HIS D 48 -7.01 -10.05 -2.22
N TYR D 49 -6.24 -10.46 -1.23
CA TYR D 49 -4.86 -10.85 -1.44
C TYR D 49 -4.46 -11.96 -0.43
N SER D 50 -3.24 -12.48 -0.57
CA SER D 50 -2.74 -13.55 0.29
C SER D 50 -1.25 -13.35 0.48
N TYR D 51 -0.78 -13.70 1.68
CA TYR D 51 0.65 -13.58 2.00
C TYR D 51 1.37 -14.94 2.02
N GLY D 52 0.68 -15.97 1.54
CA GLY D 52 1.20 -17.34 1.54
C GLY D 52 0.06 -18.34 1.54
N ALA D 53 0.41 -19.61 1.37
CA ALA D 53 -0.55 -20.72 1.48
C ALA D 53 -1.32 -20.62 2.80
N GLY D 54 -2.64 -20.77 2.74
CA GLY D 54 -3.49 -20.75 3.93
C GLY D 54 -3.97 -19.38 4.37
N SER D 55 -3.39 -18.32 3.80
CA SER D 55 -3.74 -16.93 4.14
C SER D 55 -4.67 -16.36 3.07
N THR D 56 -5.70 -15.64 3.51
CA THR D 56 -6.51 -14.80 2.63
C THR D 56 -6.93 -13.56 3.40
N GLU D 57 -6.75 -12.40 2.78
CA GLU D 57 -7.04 -11.11 3.41
C GLU D 57 -8.05 -10.35 2.57
N LYS D 58 -8.91 -9.60 3.24
CA LYS D 58 -9.80 -8.67 2.57
C LYS D 58 -9.01 -7.47 2.05
N GLY D 59 -9.31 -7.07 0.81
CA GLY D 59 -8.82 -5.82 0.25
C GLY D 59 -9.83 -4.71 0.45
N ASP D 60 -9.96 -3.85 -0.57
CA ASP D 60 -10.83 -2.66 -0.51
C ASP D 60 -12.29 -2.95 -0.84
N ILE D 61 -12.53 -3.83 -1.81
CA ILE D 61 -13.90 -4.17 -2.26
C ILE D 61 -14.19 -5.68 -2.24
N PRO D 62 -14.00 -6.33 -1.08
CA PRO D 62 -14.17 -7.78 -0.98
C PRO D 62 -15.59 -8.34 -1.09
N ASP D 63 -16.64 -7.53 -0.90
CA ASP D 63 -18.02 -8.06 -0.82
C ASP D 63 -18.48 -8.80 -2.10
N GLY D 64 -18.95 -10.04 -1.91
CA GLY D 64 -19.39 -10.92 -3.01
C GLY D 64 -18.36 -11.94 -3.43
N TYR D 65 -17.15 -11.84 -2.90
CA TYR D 65 -16.00 -12.65 -3.31
C TYR D 65 -15.38 -13.35 -2.12
N LYS D 66 -15.16 -14.65 -2.25
CA LYS D 66 -14.29 -15.39 -1.34
C LYS D 66 -12.97 -15.70 -2.06
N ALA D 67 -11.87 -15.68 -1.32
CA ALA D 67 -10.57 -16.07 -1.85
C ALA D 67 -10.18 -17.40 -1.26
N SER D 68 -9.19 -18.04 -1.88
CA SER D 68 -8.64 -19.30 -1.40
C SER D 68 -7.23 -19.44 -1.92
N ARG D 69 -6.30 -19.72 -1.02
CA ARG D 69 -4.91 -19.97 -1.37
C ARG D 69 -4.57 -21.38 -0.88
N PRO D 70 -4.96 -22.43 -1.66
CA PRO D 70 -4.59 -23.81 -1.31
C PRO D 70 -3.07 -24.10 -1.31
N SER D 71 -2.30 -23.41 -2.16
CA SER D 71 -0.85 -23.60 -2.22
C SER D 71 -0.14 -22.31 -2.59
N GLN D 72 1.18 -22.35 -2.52
CA GLN D 72 2.04 -21.25 -2.99
C GLN D 72 1.77 -20.91 -4.44
N GLU D 73 1.45 -21.95 -5.24
CA GLU D 73 1.24 -21.80 -6.69
C GLU D 73 -0.12 -21.17 -7.05
N ASN D 74 -1.19 -21.53 -6.34
CA ASN D 74 -2.54 -21.13 -6.76
C ASN D 74 -3.25 -20.21 -5.77
N PHE D 75 -3.90 -19.17 -6.32
CA PHE D 75 -4.73 -18.22 -5.58
C PHE D 75 -6.01 -18.06 -6.39
N SER D 76 -7.14 -18.53 -5.85
CA SER D 76 -8.43 -18.49 -6.57
C SER D 76 -9.33 -17.41 -6.02
N LEU D 77 -10.20 -16.90 -6.89
CA LEU D 77 -11.24 -15.96 -6.53
C LEU D 77 -12.57 -16.66 -6.79
N ILE D 78 -13.35 -16.84 -5.72
CA ILE D 78 -14.60 -17.57 -5.77
C ILE D 78 -15.77 -16.63 -5.56
N LEU D 79 -16.70 -16.67 -6.50
CA LEU D 79 -17.98 -15.99 -6.41
C LEU D 79 -19.00 -17.10 -6.21
N GLU D 80 -19.66 -17.14 -5.04
CA GLU D 80 -20.63 -18.22 -4.74
C GLU D 80 -21.91 -17.96 -5.51
N LEU D 81 -22.46 -16.76 -5.35
CA LEU D 81 -23.72 -16.35 -5.98
C LEU D 81 -23.49 -15.11 -6.84
N ALA D 82 -23.03 -15.36 -8.07
CA ALA D 82 -22.71 -14.31 -9.03
C ALA D 82 -23.87 -13.35 -9.21
N THR D 83 -23.57 -12.05 -9.28
CA THR D 83 -24.58 -11.04 -9.61
C THR D 83 -24.15 -10.34 -10.89
N PRO D 84 -25.07 -9.57 -11.52
CA PRO D 84 -24.66 -8.83 -12.71
C PRO D 84 -23.57 -7.79 -12.42
N SER D 85 -23.58 -7.19 -11.23
CA SER D 85 -22.57 -6.20 -10.85
C SER D 85 -21.13 -6.75 -10.83
N GLN D 86 -20.98 -8.06 -10.70
CA GLN D 86 -19.66 -8.73 -10.79
C GLN D 86 -19.16 -8.98 -12.21
N THR D 87 -19.89 -8.49 -13.22
CA THR D 87 -19.38 -8.38 -14.60
C THR D 87 -18.20 -7.43 -14.62
N SER D 88 -17.02 -7.91 -14.99
CA SER D 88 -15.80 -7.11 -14.96
C SER D 88 -14.66 -7.79 -15.73
N VAL D 89 -13.46 -7.22 -15.64
CA VAL D 89 -12.24 -7.86 -16.13
C VAL D 89 -11.30 -7.98 -14.95
N TYR D 90 -11.07 -9.23 -14.52
CA TYR D 90 -10.33 -9.47 -13.30
C TYR D 90 -8.88 -9.67 -13.64
N PHE D 91 -8.01 -9.30 -12.71
CA PHE D 91 -6.58 -9.38 -12.89
C PHE D 91 -5.97 -9.92 -11.63
N CYS D 92 -5.13 -10.94 -11.78
CA CYS D 92 -4.38 -11.51 -10.68
C CYS D 92 -2.94 -11.05 -10.83
N ALA D 93 -2.25 -10.91 -9.71
CA ALA D 93 -0.81 -10.67 -9.73
C ALA D 93 -0.15 -11.32 -8.54
N SER D 94 1.18 -11.40 -8.63
CA SER D 94 2.02 -11.99 -7.60
C SER D 94 3.28 -11.15 -7.39
N GLY D 95 3.99 -11.44 -6.31
CA GLY D 95 5.30 -10.83 -6.09
C GLY D 95 5.95 -11.36 -4.83
N ASP D 96 7.27 -11.17 -4.75
CA ASP D 96 8.01 -11.54 -3.54
C ASP D 96 7.96 -10.37 -2.54
N GLU D 97 9.02 -10.17 -1.75
CA GLU D 97 9.04 -9.12 -0.71
C GLU D 97 9.14 -7.69 -1.25
N GLY D 98 9.58 -7.53 -2.49
CA GLY D 98 9.66 -6.21 -3.13
C GLY D 98 8.31 -5.62 -3.52
N TYR D 99 8.34 -4.44 -4.12
CA TYR D 99 7.09 -3.75 -4.51
C TYR D 99 6.41 -4.25 -5.79
N THR D 100 7.21 -4.71 -6.76
CA THR D 100 6.70 -5.10 -8.07
C THR D 100 5.70 -6.24 -7.95
N GLN D 101 4.49 -6.01 -8.47
CA GLN D 101 3.47 -7.03 -8.61
C GLN D 101 3.40 -7.41 -10.09
N TYR D 102 3.62 -8.69 -10.39
CA TYR D 102 3.67 -9.21 -11.77
C TYR D 102 2.28 -9.68 -12.15
N PHE D 103 1.64 -8.98 -13.10
CA PHE D 103 0.22 -9.19 -13.41
C PHE D 103 -0.03 -10.27 -14.43
N GLY D 104 -1.19 -10.92 -14.30
CA GLY D 104 -1.65 -11.90 -15.26
C GLY D 104 -2.36 -11.23 -16.42
N PRO D 105 -2.66 -11.99 -17.49
CA PRO D 105 -3.25 -11.43 -18.71
C PRO D 105 -4.68 -10.92 -18.57
N GLY D 106 -5.37 -11.37 -17.53
CA GLY D 106 -6.71 -10.90 -17.21
C GLY D 106 -7.76 -11.91 -17.59
N THR D 107 -8.90 -11.84 -16.92
CA THR D 107 -10.05 -12.72 -17.15
C THR D 107 -11.28 -11.83 -17.33
N ARG D 108 -11.91 -11.90 -18.50
CA ARG D 108 -13.21 -11.27 -18.70
C ARG D 108 -14.28 -12.14 -18.09
N LEU D 109 -15.23 -11.54 -17.37
CA LEU D 109 -16.43 -12.23 -16.88
C LEU D 109 -17.68 -11.43 -17.22
N LEU D 110 -18.68 -12.11 -17.76
CA LEU D 110 -20.00 -11.53 -17.97
C LEU D 110 -20.99 -12.37 -17.19
N VAL D 111 -21.70 -11.73 -16.26
CA VAL D 111 -22.80 -12.38 -15.58
C VAL D 111 -24.09 -11.86 -16.17
N LEU D 112 -24.83 -12.75 -16.82
CA LEU D 112 -26.13 -12.42 -17.38
C LEU D 112 -27.17 -12.70 -16.34
N GLU D 113 -28.35 -12.12 -16.52
CA GLU D 113 -29.51 -12.44 -15.68
C GLU D 113 -30.02 -13.85 -16.00
N ASP D 114 -29.83 -14.28 -17.25
CA ASP D 114 -30.54 -15.43 -17.79
C ASP D 114 -29.89 -15.90 -19.11
N LEU D 115 -29.73 -17.22 -19.27
CA LEU D 115 -28.96 -17.77 -20.40
C LEU D 115 -29.78 -18.18 -21.65
N ARG D 116 -31.07 -17.84 -21.70
CA ARG D 116 -31.96 -18.36 -22.76
C ARG D 116 -31.52 -18.00 -24.19
N ASN D 117 -30.90 -16.83 -24.36
CA ASN D 117 -30.51 -16.34 -25.70
C ASN D 117 -29.07 -16.61 -26.11
N VAL D 118 -28.32 -17.38 -25.30
CA VAL D 118 -26.93 -17.66 -25.60
C VAL D 118 -26.89 -18.53 -26.86
N THR D 119 -26.04 -18.14 -27.82
CA THR D 119 -26.04 -18.73 -29.17
C THR D 119 -24.64 -18.56 -29.79
N PRO D 120 -24.07 -19.63 -30.37
CA PRO D 120 -22.78 -19.51 -31.02
C PRO D 120 -22.88 -18.91 -32.43
N PRO D 121 -21.75 -18.38 -32.96
CA PRO D 121 -21.75 -17.78 -34.28
C PRO D 121 -21.84 -18.78 -35.43
N LYS D 122 -22.31 -18.29 -36.59
CA LYS D 122 -22.07 -18.92 -37.88
C LYS D 122 -20.88 -18.16 -38.46
N VAL D 123 -19.86 -18.87 -38.94
CA VAL D 123 -18.68 -18.20 -39.50
C VAL D 123 -18.63 -18.41 -41.00
N SER D 124 -18.42 -17.32 -41.75
CA SER D 124 -18.21 -17.37 -43.19
C SER D 124 -16.90 -16.69 -43.55
N LEU D 125 -16.17 -17.29 -44.51
CA LEU D 125 -14.97 -16.68 -45.07
C LEU D 125 -15.28 -16.27 -46.51
N PHE D 126 -14.89 -15.05 -46.86
CA PHE D 126 -15.17 -14.45 -48.16
C PHE D 126 -13.85 -14.24 -48.89
N GLU D 127 -13.73 -14.82 -50.07
CA GLU D 127 -12.46 -14.84 -50.81
C GLU D 127 -12.21 -13.51 -51.52
N PRO D 128 -10.93 -13.14 -51.73
CA PRO D 128 -10.56 -11.87 -52.36
C PRO D 128 -11.20 -11.57 -53.71
N SER D 129 -11.38 -10.27 -53.99
CA SER D 129 -11.91 -9.83 -55.28
C SER D 129 -10.83 -9.90 -56.35
N LYS D 130 -11.16 -10.54 -57.47
CA LYS D 130 -10.37 -10.46 -58.72
C LYS D 130 -9.86 -9.04 -59.04
N ALA D 131 -10.74 -8.05 -58.87
CA ALA D 131 -10.45 -6.65 -59.20
C ALA D 131 -9.43 -6.05 -58.24
N GLU D 132 -9.57 -6.37 -56.96
CA GLU D 132 -8.59 -5.95 -55.96
C GLU D 132 -7.20 -6.50 -56.29
N ILE D 133 -7.14 -7.79 -56.59
CA ILE D 133 -5.89 -8.43 -57.00
C ILE D 133 -5.24 -7.65 -58.14
N SER D 134 -6.02 -7.41 -59.20
CA SER D 134 -5.53 -6.71 -60.40
C SER D 134 -5.30 -5.22 -60.22
N HIS D 135 -6.09 -4.55 -59.39
CA HIS D 135 -5.93 -3.10 -59.14
C HIS D 135 -4.76 -2.78 -58.22
N THR D 136 -4.50 -3.66 -57.25
CA THR D 136 -3.54 -3.39 -56.16
C THR D 136 -2.34 -4.32 -56.04
N GLN D 137 -2.44 -5.52 -56.62
CA GLN D 137 -1.54 -6.63 -56.29
C GLN D 137 -1.64 -7.03 -54.81
N LYS D 138 -2.87 -7.00 -54.30
CA LYS D 138 -3.18 -7.36 -52.92
C LYS D 138 -4.55 -8.05 -52.84
N ALA D 139 -4.64 -9.04 -51.94
CA ALA D 139 -5.83 -9.85 -51.78
C ALA D 139 -6.32 -9.71 -50.35
N THR D 140 -7.57 -9.28 -50.17
CA THR D 140 -8.16 -9.07 -48.85
C THR D 140 -9.25 -10.12 -48.62
N LEU D 141 -8.99 -11.03 -47.70
CA LEU D 141 -9.98 -11.99 -47.21
C LEU D 141 -10.84 -11.28 -46.17
N VAL D 142 -12.12 -11.64 -46.11
CA VAL D 142 -13.02 -11.10 -45.10
C VAL D 142 -13.78 -12.23 -44.42
N CYS D 143 -13.82 -12.16 -43.08
CA CYS D 143 -14.48 -13.15 -42.26
C CYS D 143 -15.64 -12.50 -41.54
N LEU D 144 -16.69 -13.28 -41.32
CA LEU D 144 -17.96 -12.75 -40.84
C LEU D 144 -18.61 -13.70 -39.82
N ALA D 145 -18.43 -13.40 -38.54
CA ALA D 145 -19.13 -14.10 -37.47
C ALA D 145 -20.52 -13.49 -37.33
N THR D 146 -21.57 -14.31 -37.38
CA THR D 146 -22.95 -13.80 -37.34
C THR D 146 -23.89 -14.68 -36.49
N GLY D 147 -24.90 -14.04 -35.91
CA GLY D 147 -25.97 -14.70 -35.17
C GLY D 147 -25.63 -15.09 -33.75
N PHE D 148 -24.60 -14.48 -33.17
CA PHE D 148 -24.08 -14.90 -31.85
C PHE D 148 -24.46 -13.99 -30.69
N TYR D 149 -24.63 -14.58 -29.51
CA TYR D 149 -24.95 -13.84 -28.29
C TYR D 149 -24.49 -14.67 -27.11
N PRO D 150 -23.88 -14.10 -26.06
CA PRO D 150 -23.49 -12.70 -25.95
C PRO D 150 -22.26 -12.35 -26.80
N ASP D 151 -21.76 -11.12 -26.65
CA ASP D 151 -20.68 -10.60 -27.51
C ASP D 151 -19.25 -11.07 -27.18
N HIS D 152 -19.10 -12.13 -26.39
CA HIS D 152 -17.77 -12.63 -26.00
C HIS D 152 -17.22 -13.62 -27.03
N VAL D 153 -16.49 -13.07 -27.99
CA VAL D 153 -15.81 -13.84 -29.02
C VAL D 153 -14.36 -13.37 -29.12
N GLU D 154 -13.48 -14.27 -29.54
CA GLU D 154 -12.11 -13.92 -29.94
C GLU D 154 -11.92 -14.44 -31.36
N LEU D 155 -11.93 -13.53 -32.33
CA LEU D 155 -11.68 -13.88 -33.72
C LEU D 155 -10.18 -13.92 -33.97
N SER D 156 -9.71 -14.98 -34.64
CA SER D 156 -8.28 -15.18 -34.93
C SER D 156 -8.09 -15.70 -36.35
N TRP D 157 -6.95 -15.34 -36.94
CA TRP D 157 -6.63 -15.69 -38.33
C TRP D 157 -5.48 -16.65 -38.39
N TRP D 158 -5.65 -17.77 -39.11
CA TRP D 158 -4.67 -18.85 -39.11
C TRP D 158 -4.26 -19.23 -40.52
N VAL D 159 -2.95 -19.24 -40.75
CA VAL D 159 -2.37 -19.55 -42.05
C VAL D 159 -1.41 -20.74 -41.87
N ASN D 160 -1.77 -21.86 -42.49
CA ASN D 160 -1.03 -23.12 -42.38
C ASN D 160 -0.81 -23.59 -40.93
N GLY D 161 -1.85 -23.47 -40.12
CA GLY D 161 -1.80 -23.87 -38.72
C GLY D 161 -1.05 -22.93 -37.80
N LYS D 162 -0.57 -21.80 -38.32
CA LYS D 162 0.04 -20.79 -37.48
C LYS D 162 -0.74 -19.48 -37.57
N GLU D 163 -0.88 -18.81 -36.43
CA GLU D 163 -1.67 -17.60 -36.33
C GLU D 163 -0.94 -16.42 -37.00
N VAL D 164 -1.72 -15.53 -37.61
CA VAL D 164 -1.19 -14.35 -38.32
C VAL D 164 -1.81 -13.09 -37.73
N HIS D 165 -0.97 -12.11 -37.44
CA HIS D 165 -1.40 -10.82 -36.91
C HIS D 165 -1.17 -9.71 -37.90
N SER D 166 0.02 -9.70 -38.54
CA SER D 166 0.30 -8.79 -39.63
C SER D 166 -0.79 -8.88 -40.70
N GLY D 167 -1.19 -7.71 -41.21
CA GLY D 167 -2.24 -7.60 -42.22
C GLY D 167 -3.65 -7.88 -41.74
N VAL D 168 -3.85 -8.01 -40.44
CA VAL D 168 -5.19 -8.25 -39.87
C VAL D 168 -5.72 -6.93 -39.32
N CYS D 169 -7.03 -6.74 -39.39
CA CYS D 169 -7.72 -5.84 -38.46
C CYS D 169 -9.12 -6.39 -38.22
N THR D 170 -9.56 -6.29 -36.97
CA THR D 170 -10.89 -6.74 -36.56
C THR D 170 -11.68 -5.56 -36.00
N ASP D 171 -12.98 -5.53 -36.29
CA ASP D 171 -13.87 -4.52 -35.75
C ASP D 171 -13.58 -4.41 -34.25
N PRO D 172 -13.43 -3.18 -33.73
CA PRO D 172 -13.13 -3.04 -32.30
C PRO D 172 -14.28 -3.49 -31.40
N GLN D 173 -15.51 -3.42 -31.90
CA GLN D 173 -16.66 -4.02 -31.23
C GLN D 173 -17.61 -4.69 -32.22
N PRO D 174 -18.39 -5.68 -31.75
CA PRO D 174 -19.39 -6.27 -32.62
C PRO D 174 -20.60 -5.36 -32.73
N LEU D 175 -21.22 -5.36 -33.91
CA LEU D 175 -22.45 -4.60 -34.15
C LEU D 175 -23.69 -5.48 -33.94
N LYS D 176 -24.80 -4.85 -33.55
CA LYS D 176 -26.05 -5.56 -33.23
C LYS D 176 -26.88 -5.80 -34.48
N GLU D 177 -27.44 -7.00 -34.59
CA GLU D 177 -28.17 -7.40 -35.79
C GLU D 177 -29.57 -6.78 -35.80
N GLN D 178 -30.12 -6.58 -34.59
CA GLN D 178 -31.46 -6.00 -34.39
C GLN D 178 -31.42 -4.98 -33.23
N PRO D 179 -30.82 -3.77 -33.43
CA PRO D 179 -30.69 -2.80 -32.32
C PRO D 179 -32.00 -2.44 -31.60
N ALA D 180 -33.12 -2.54 -32.31
CA ALA D 180 -34.47 -2.41 -31.74
C ALA D 180 -34.79 -3.34 -30.56
N LEU D 181 -34.25 -4.56 -30.58
CA LEU D 181 -34.52 -5.59 -29.55
C LEU D 181 -33.47 -5.59 -28.44
N ASN D 182 -33.89 -5.95 -27.22
CA ASN D 182 -33.07 -5.79 -26.02
C ASN D 182 -31.95 -6.83 -25.92
N ASP D 183 -32.29 -8.09 -26.21
CA ASP D 183 -31.32 -9.18 -26.24
C ASP D 183 -30.98 -9.56 -27.69
N SER D 184 -30.48 -8.56 -28.42
CA SER D 184 -30.13 -8.71 -29.83
C SER D 184 -28.90 -9.57 -30.00
N ARG D 185 -28.88 -10.34 -31.08
CA ARG D 185 -27.68 -11.04 -31.50
C ARG D 185 -26.67 -10.08 -32.13
N TYR D 186 -25.43 -10.55 -32.26
CA TYR D 186 -24.30 -9.74 -32.75
C TYR D 186 -23.68 -10.31 -34.02
N SER D 187 -23.06 -9.43 -34.79
CA SER D 187 -22.18 -9.82 -35.89
C SER D 187 -20.83 -9.13 -35.70
N LEU D 188 -19.78 -9.72 -36.27
CA LEU D 188 -18.43 -9.17 -36.14
C LEU D 188 -17.71 -9.50 -37.42
N SER D 189 -16.88 -8.58 -37.91
CA SER D 189 -16.11 -8.82 -39.13
C SER D 189 -14.63 -8.51 -38.96
N SER D 190 -13.84 -9.10 -39.85
CA SER D 190 -12.39 -8.96 -39.83
C SER D 190 -11.83 -9.12 -41.22
N ARG D 191 -10.69 -8.51 -41.47
CA ARG D 191 -10.03 -8.58 -42.76
C ARG D 191 -8.63 -9.10 -42.57
N LEU D 192 -8.18 -9.94 -43.50
CA LEU D 192 -6.79 -10.34 -43.63
C LEU D 192 -6.35 -9.96 -45.03
N ARG D 193 -5.29 -9.16 -45.13
CA ARG D 193 -4.74 -8.71 -46.42
C ARG D 193 -3.33 -9.23 -46.60
N VAL D 194 -3.11 -9.84 -47.77
CA VAL D 194 -1.82 -10.40 -48.15
C VAL D 194 -1.55 -10.09 -49.63
N SER D 195 -0.31 -10.33 -50.05
CA SER D 195 0.07 -10.14 -51.46
C SER D 195 -0.67 -11.16 -52.35
N ALA D 196 -1.02 -10.71 -53.56
CA ALA D 196 -1.65 -11.58 -54.55
C ALA D 196 -0.83 -12.86 -54.77
N THR D 197 0.50 -12.73 -54.82
CA THR D 197 1.41 -13.89 -54.83
C THR D 197 1.09 -14.93 -53.74
N PHE D 198 0.89 -14.44 -52.52
CA PHE D 198 0.58 -15.29 -51.35
C PHE D 198 -0.80 -15.94 -51.48
N TRP D 199 -1.81 -15.15 -51.84
CA TRP D 199 -3.14 -15.70 -52.10
C TRP D 199 -3.13 -16.72 -53.25
N GLN D 200 -2.37 -16.42 -54.32
CA GLN D 200 -2.32 -17.27 -55.52
C GLN D 200 -1.57 -18.61 -55.36
N ASN D 201 -0.98 -18.84 -54.19
CA ASN D 201 -0.35 -20.11 -53.83
C ASN D 201 -1.39 -21.06 -53.21
N PRO D 202 -1.73 -22.18 -53.90
CA PRO D 202 -2.76 -23.11 -53.40
C PRO D 202 -2.26 -24.11 -52.34
N ARG D 203 -1.05 -23.90 -51.85
CA ARG D 203 -0.54 -24.61 -50.69
C ARG D 203 -0.81 -23.86 -49.39
N ASN D 204 -1.07 -22.54 -49.46
CA ASN D 204 -1.50 -21.76 -48.29
C ASN D 204 -2.95 -22.01 -47.91
N HIS D 205 -3.14 -22.62 -46.73
CA HIS D 205 -4.45 -22.87 -46.18
C HIS D 205 -4.86 -21.73 -45.25
N PHE D 206 -5.95 -21.03 -45.59
CA PHE D 206 -6.47 -19.92 -44.78
C PHE D 206 -7.63 -20.38 -43.91
N ARG D 207 -7.68 -19.88 -42.68
CA ARG D 207 -8.74 -20.24 -41.73
C ARG D 207 -9.09 -19.08 -40.79
N CYS D 208 -10.35 -18.72 -40.78
CA CYS D 208 -10.88 -17.76 -39.83
C CYS D 208 -11.48 -18.54 -38.69
N GLN D 209 -11.04 -18.27 -37.46
CA GLN D 209 -11.48 -18.99 -36.26
C GLN D 209 -12.16 -18.03 -35.30
N VAL D 210 -13.36 -18.37 -34.82
CA VAL D 210 -14.02 -17.64 -33.73
C VAL D 210 -14.16 -18.55 -32.53
N GLN D 211 -13.60 -18.14 -31.39
CA GLN D 211 -13.75 -18.82 -30.12
C GLN D 211 -14.91 -18.17 -29.40
N PHE D 212 -16.11 -18.72 -29.57
CA PHE D 212 -17.28 -18.30 -28.83
C PHE D 212 -17.18 -18.82 -27.39
N TYR D 213 -17.55 -17.97 -26.44
CA TYR D 213 -17.63 -18.37 -25.03
C TYR D 213 -19.11 -18.35 -24.72
N GLY D 214 -19.60 -19.44 -24.14
CA GLY D 214 -21.01 -19.63 -23.85
C GLY D 214 -21.20 -20.53 -22.64
N LEU D 215 -22.13 -21.48 -22.74
CA LEU D 215 -22.42 -22.37 -21.61
C LEU D 215 -21.30 -23.39 -21.35
N SER D 216 -21.30 -23.92 -20.14
CA SER D 216 -20.37 -24.96 -19.73
C SER D 216 -21.06 -26.32 -19.78
N GLU D 217 -20.29 -27.40 -19.63
CA GLU D 217 -20.83 -28.76 -19.55
C GLU D 217 -21.97 -28.88 -18.52
N ASN D 218 -21.78 -28.31 -17.33
CA ASN D 218 -22.69 -28.47 -16.20
C ASN D 218 -23.77 -27.37 -16.03
N ASP D 219 -24.08 -26.63 -17.10
CA ASP D 219 -25.19 -25.66 -17.09
C ASP D 219 -26.46 -26.34 -17.64
N GLU D 220 -27.60 -26.15 -16.96
CA GLU D 220 -28.87 -26.78 -17.37
C GLU D 220 -29.36 -26.18 -18.69
N TRP D 221 -30.00 -26.99 -19.53
CA TRP D 221 -30.49 -26.53 -20.84
C TRP D 221 -31.90 -27.07 -21.14
N THR D 222 -32.88 -26.18 -21.05
CA THR D 222 -34.30 -26.54 -21.17
C THR D 222 -34.81 -26.61 -22.62
N GLN D 223 -34.19 -25.85 -23.53
CA GLN D 223 -34.71 -25.65 -24.90
C GLN D 223 -34.37 -26.78 -25.87
N ASP D 224 -35.15 -26.84 -26.95
CA ASP D 224 -34.97 -27.85 -27.99
C ASP D 224 -33.62 -27.73 -28.68
N ARG D 225 -33.24 -26.51 -29.08
CA ARG D 225 -32.00 -26.29 -29.86
C ARG D 225 -30.72 -26.76 -29.19
N ALA D 226 -29.71 -27.06 -30.01
CA ALA D 226 -28.39 -27.50 -29.55
C ALA D 226 -27.81 -26.58 -28.47
N LYS D 227 -27.21 -27.19 -27.46
CA LYS D 227 -26.73 -26.47 -26.29
C LYS D 227 -25.58 -25.54 -26.67
N PRO D 228 -25.77 -24.22 -26.50
CA PRO D 228 -24.83 -23.22 -26.98
C PRO D 228 -23.59 -23.11 -26.06
N VAL D 229 -22.76 -24.14 -26.16
CA VAL D 229 -21.56 -24.27 -25.32
C VAL D 229 -20.44 -23.35 -25.82
N THR D 230 -19.49 -23.09 -24.93
CA THR D 230 -18.18 -22.56 -25.32
C THR D 230 -17.64 -23.43 -26.43
N GLN D 231 -17.33 -22.84 -27.58
CA GLN D 231 -16.84 -23.61 -28.72
C GLN D 231 -16.08 -22.76 -29.72
N ILE D 232 -15.45 -23.46 -30.66
CA ILE D 232 -14.77 -22.84 -31.79
C ILE D 232 -15.58 -23.15 -33.03
N VAL D 233 -15.91 -22.11 -33.78
CA VAL D 233 -16.52 -22.21 -35.12
C VAL D 233 -15.58 -21.49 -36.09
N SER D 234 -15.35 -22.09 -37.25
CA SER D 234 -14.39 -21.54 -38.19
C SER D 234 -14.78 -21.76 -39.64
N ALA D 235 -14.06 -21.05 -40.51
CA ALA D 235 -14.23 -21.14 -41.94
C ALA D 235 -12.85 -21.10 -42.55
N GLU D 236 -12.77 -21.52 -43.80
CA GLU D 236 -11.57 -22.13 -44.34
C GLU D 236 -11.55 -21.97 -45.85
N ALA D 237 -10.38 -21.66 -46.40
CA ALA D 237 -10.19 -21.58 -47.85
C ALA D 237 -8.73 -21.73 -48.27
N TRP D 238 -8.49 -22.36 -49.42
CA TRP D 238 -7.14 -22.43 -49.99
C TRP D 238 -6.95 -21.36 -51.05
N GLY D 239 -5.69 -21.09 -51.35
CA GLY D 239 -5.33 -20.23 -52.46
C GLY D 239 -5.56 -20.89 -53.82
N ARG D 240 -5.36 -20.10 -54.89
CA ARG D 240 -5.54 -20.56 -56.28
C ARG D 240 -4.90 -19.61 -57.28
N ALA D 241 -4.21 -20.16 -58.28
CA ALA D 241 -3.46 -19.34 -59.27
C ALA D 241 -4.36 -18.54 -60.19
C1 NAG E . 25.82 5.18 8.08
C2 NAG E . 26.23 4.91 6.61
C3 NAG E . 26.49 3.43 6.36
C4 NAG E . 27.40 2.78 7.40
C5 NAG E . 26.91 3.14 8.80
C6 NAG E . 27.83 2.54 9.86
C7 NAG E . 25.10 6.68 5.32
C8 NAG E . 24.11 7.01 4.26
N2 NAG E . 25.27 5.39 5.62
O3 NAG E . 27.06 3.28 5.07
O4 NAG E . 27.35 1.35 7.25
O5 NAG E . 26.78 4.56 8.95
O6 NAG E . 27.59 3.14 11.15
O7 NAG E . 25.71 7.56 5.90
C1 NAG E . 28.40 0.73 6.47
C2 NAG E . 28.50 -0.72 6.93
C3 NAG E . 29.51 -1.49 6.09
C4 NAG E . 29.17 -1.41 4.61
C5 NAG E . 29.00 0.05 4.17
C6 NAG E . 28.37 0.08 2.78
C7 NAG E . 28.34 -1.62 9.25
C8 NAG E . 28.91 -1.46 10.62
N2 NAG E . 28.87 -0.78 8.35
O3 NAG E . 29.54 -2.86 6.46
O4 NAG E . 30.21 -2.05 3.85
O5 NAG E . 28.15 0.80 5.07
O6 NAG E . 28.36 1.39 2.23
O7 NAG E . 27.46 -2.44 9.01
C1 FUC E . 27.16 2.21 12.17
C2 FUC E . 27.44 2.80 13.56
C3 FUC E . 26.51 4.01 13.82
C4 FUC E . 25.05 3.61 13.61
C5 FUC E . 24.86 2.97 12.23
C6 FUC E . 23.41 2.53 12.03
O2 FUC E . 28.84 3.15 13.66
O3 FUC E . 26.66 4.55 15.14
O4 FUC E . 24.63 2.68 14.62
O5 FUC E . 25.76 1.86 12.06
C1 NAG F . -10.74 -3.65 20.45
C2 NAG F . -12.16 -4.10 20.78
C3 NAG F . -12.75 -3.10 21.78
C4 NAG F . -11.83 -3.02 23.01
C5 NAG F . -10.39 -2.67 22.60
C6 NAG F . -9.39 -2.73 23.76
C7 NAG F . -13.07 -5.27 18.78
C8 NAG F . -13.89 -5.09 17.53
N2 NAG F . -12.92 -4.16 19.54
O3 NAG F . -14.08 -3.47 22.14
O4 NAG F . -12.39 -2.06 23.95
O5 NAG F . -9.92 -3.59 21.62
O6 NAG F . -9.81 -1.91 24.85
O7 NAG F . -12.60 -6.37 19.05
C1 NAG G . -4.75 6.77 17.32
C2 NAG G . -6.24 6.42 17.46
C3 NAG G . -6.87 5.91 16.16
C4 NAG G . -6.71 6.95 15.07
C5 NAG G . -5.21 7.24 14.91
C6 NAG G . -4.99 8.38 13.90
C7 NAG G . -6.59 5.74 19.75
C8 NAG G . -6.74 4.57 20.69
N2 NAG G . -6.38 5.41 18.48
O3 NAG G . -8.25 5.64 16.37
O4 NAG G . -7.35 6.51 13.85
O5 NAG G . -4.58 7.61 16.16
O6 NAG G . -4.67 9.59 14.59
O7 NAG G . -6.64 6.89 20.13
C1 PLM H . 9.24 8.86 17.36
O1 PLM H . 8.00 8.77 17.20
O2 PLM H . 10.00 7.98 17.84
C2 PLM H . 9.88 10.14 16.86
C3 PLM H . 10.20 11.10 17.99
C4 PLM H . 9.98 12.44 17.35
C5 PLM H . 10.78 13.53 18.10
C6 PLM H . 12.04 13.64 17.26
C7 PLM H . 13.02 14.63 17.90
C8 PLM H . 13.75 15.38 16.75
C9 PLM H . 15.07 14.75 16.26
CA PLM H . 14.99 13.25 16.22
CB PLM H . 16.24 12.69 15.52
CC PLM H . 16.24 11.24 16.04
CD PLM H . 16.90 10.33 15.03
CE PLM H . 16.58 8.90 15.49
CF PLM H . 15.25 8.43 14.86
CG PLM H . 14.16 8.26 15.94
C1 FJJ I . 7.81 4.09 6.31
C2 FJJ I . 7.79 2.56 6.17
C3 FJJ I . 8.52 1.78 7.28
C4 FJJ I . 8.05 2.02 8.73
C5 FJJ I . 9.23 1.43 9.57
C6 FJJ I . 8.69 0.82 10.86
C11 FJJ I . 7.42 -7.83 15.22
C25 FJJ I . 11.85 5.55 13.91
C24 FJJ I . 12.77 5.93 12.78
C23 FJJ I . 12.13 5.34 11.53
C22 FJJ I . 12.02 6.48 10.53
C21 FJJ I . 11.57 5.81 9.23
C20 FJJ I . 11.32 6.93 8.25
C19 FJJ I . 10.95 6.28 6.91
C18 FJJ I . 9.46 5.82 6.93
O2 FJJ I . 8.57 6.56 7.36
N FJJ I . 9.19 4.60 6.39
C FJJ I . 7.16 4.77 5.09
OC1 FJJ I . 7.93 4.31 3.97
CG1 FJJ I . 7.44 4.63 2.63
OG FJJ I . 7.51 6.03 2.33
CG FJJ I . 8.85 6.62 2.33
CG5 FJJ I . 8.68 8.03 1.85
OG6 FJJ I . 8.37 8.74 3.05
CG4 FJJ I . 9.74 5.89 1.36
OG5 FJJ I . 9.28 6.13 0.03
CG3 FJJ I . 9.73 4.42 1.67
OG4 FJJ I . 10.53 3.80 0.70
CG2 FJJ I . 8.29 3.88 1.63
OG3 FJJ I . 8.25 2.48 1.94
O1 FJJ I . 6.44 2.13 6.09
O32 FJJ I . 8.35 0.41 6.97
C7 FJJ I . 9.88 0.26 11.72
O FJJ I . 10.61 1.07 12.29
N1 FJJ I . 10.00 -1.10 11.88
C17 FJJ I . 11.10 -1.75 12.59
C16 FJJ I . 10.95 -3.22 13.09
C15 FJJ I . 9.54 -3.81 13.41
C14 FJJ I . 9.86 -5.30 13.73
C13 FJJ I . 8.73 -6.19 13.92
C8 FJJ I . 7.81 -6.44 12.90
C9 FJJ I . 6.70 -7.33 13.02
C10 FJJ I . 6.50 -8.04 14.20
C12 FJJ I . 8.53 -6.94 15.09
NA NA J . -11.95 -1.16 -10.91
#